data_8Q41
#
_entry.id   8Q41
#
_cell.length_a   55.009
_cell.length_b   79.322
_cell.length_c   95.430
_cell.angle_alpha   90.000
_cell.angle_beta   94.850
_cell.angle_gamma   90.000
#
_symmetry.space_group_name_H-M   'P 1 21 1'
#
loop_
_entity.id
_entity.type
_entity.pdbx_description
1 polymer 'DUF1887 family protein'
2 polymer "DNA (5'-D(*TP*TP*AP*AP*A)-3')"
3 polymer 'Cyclic tetraadenosine monophosphate (cA4)'
4 non-polymer 'MANGANESE (II) ION'
5 water water
#
loop_
_entity_poly.entity_id
_entity_poly.type
_entity_poly.pdbx_seq_one_letter_code
_entity_poly.pdbx_strand_id
1 'polypeptide(L)'
;SNMNEKVLVLIVGTNPLPNYVVGSHLKEKYDKFVLIYSEKNDKINQNSTYDYAKKLKEHLNLNDKCIFLPLSDVSNSEKI
INDLREKFPSEDFVEVHLNYTGGTKTMVVHIYNFLKEKFKNNKIKFEGSYLDARDYKLVYDYSEEAISLKDTIKIDINTL
LSIHLYEDIHFEFYDTYSYKQKFVDSFDKISQEIEKAIKDDKGEDFVKWLEDPFRKIFKGENKLLEKTAKFKKHIEKLLK
DNDSSPIVKFNEKTPQFIWDILNAFPEGKKLNDGQKLWIPDDKITNDNLSSRVKDTVEFLNGKWFEWYVYSQIKSELLDR
KLKEGEHFGISLKAQKKDSPYFALDIFLINGYQLIGISLTTSSTRELCKLKGFEVIHRVRQIGGDESKAILITGMDKSKT
EDLQKDLAYETGSTQKRFVVFGIDDWADIGSKICEEVFK
;
A,B
2 'polydeoxyribonucleotide' (DT)(DT)(DT)(DA)(DA)(DA) D,C
3 'polyribonucleotide' AAAA X
#
# COMPACT_ATOMS: atom_id res chain seq x y z
N GLU A 5 20.23 -10.47 -40.24
CA GLU A 5 19.25 -9.73 -39.44
C GLU A 5 18.56 -10.63 -38.41
N LYS A 6 19.02 -10.54 -37.16
CA LYS A 6 18.41 -11.25 -36.04
C LYS A 6 17.57 -10.27 -35.23
N VAL A 7 16.29 -10.60 -35.04
CA VAL A 7 15.33 -9.70 -34.42
C VAL A 7 14.93 -10.25 -33.05
N LEU A 8 14.73 -9.34 -32.11
CA LEU A 8 14.23 -9.66 -30.77
C LEU A 8 12.93 -8.90 -30.56
N VAL A 9 11.90 -9.59 -30.08
CA VAL A 9 10.57 -9.02 -29.95
C VAL A 9 10.18 -9.04 -28.47
N LEU A 10 9.78 -7.88 -27.96
CA LEU A 10 9.33 -7.72 -26.58
C LEU A 10 7.90 -7.21 -26.57
N ILE A 11 7.18 -7.56 -25.51
CA ILE A 11 5.78 -7.19 -25.32
C ILE A 11 5.73 -6.18 -24.18
N VAL A 12 5.34 -4.94 -24.50
CA VAL A 12 5.42 -3.83 -23.56
C VAL A 12 4.13 -3.76 -22.75
N GLY A 13 4.17 -4.28 -21.53
CA GLY A 13 3.12 -4.09 -20.56
C GLY A 13 3.45 -2.95 -19.61
N THR A 14 2.79 -2.93 -18.45
CA THR A 14 2.96 -1.85 -17.50
C THR A 14 4.09 -2.09 -16.50
N ASN A 15 4.82 -3.19 -16.61
CA ASN A 15 6.00 -3.39 -15.77
C ASN A 15 7.24 -3.34 -16.65
N PRO A 16 7.93 -2.19 -16.73
CA PRO A 16 9.04 -2.08 -17.69
C PRO A 16 10.28 -2.85 -17.29
N LEU A 17 10.44 -3.20 -16.01
CA LEU A 17 11.70 -3.82 -15.58
C LEU A 17 11.99 -5.15 -16.25
N PRO A 18 11.05 -6.10 -16.35
CA PRO A 18 11.39 -7.35 -17.07
C PRO A 18 11.88 -7.14 -18.49
N ASN A 19 11.28 -6.20 -19.22
CA ASN A 19 11.74 -5.95 -20.58
C ASN A 19 13.12 -5.30 -20.61
N TYR A 20 13.41 -4.45 -19.63
CA TYR A 20 14.76 -3.90 -19.53
C TYR A 20 15.77 -5.00 -19.26
N VAL A 21 15.42 -5.96 -18.40
CA VAL A 21 16.35 -7.03 -18.04
C VAL A 21 16.65 -7.91 -19.25
N VAL A 22 15.60 -8.38 -19.92
CA VAL A 22 15.81 -9.24 -21.08
C VAL A 22 16.51 -8.48 -22.20
N GLY A 23 16.20 -7.18 -22.34
CA GLY A 23 16.89 -6.38 -23.34
C GLY A 23 18.37 -6.24 -23.04
N SER A 24 18.71 -5.97 -21.77
CA SER A 24 20.12 -5.81 -21.40
C SER A 24 20.92 -7.08 -21.65
N HIS A 25 20.27 -8.24 -21.61
CA HIS A 25 20.94 -9.52 -21.72
C HIS A 25 21.03 -10.03 -23.15
N LEU A 26 20.04 -9.71 -24.00
CA LEU A 26 19.95 -10.26 -25.34
C LEU A 26 20.33 -9.29 -26.45
N LYS A 27 20.48 -8.00 -26.15
CA LYS A 27 20.75 -7.03 -27.21
C LYS A 27 22.05 -7.35 -27.96
N GLU A 28 23.03 -7.95 -27.28
CA GLU A 28 24.32 -8.20 -27.92
C GLU A 28 24.22 -9.22 -29.05
N LYS A 29 23.11 -9.97 -29.12
CA LYS A 29 22.97 -11.07 -30.05
C LYS A 29 21.89 -10.85 -31.10
N TYR A 30 21.33 -9.65 -31.19
CA TYR A 30 20.27 -9.36 -32.15
C TYR A 30 20.52 -8.02 -32.83
N ASP A 31 19.93 -7.88 -34.01
CA ASP A 31 20.12 -6.73 -34.89
C ASP A 31 18.92 -5.81 -34.98
N LYS A 32 17.71 -6.33 -34.81
CA LYS A 32 16.50 -5.53 -34.86
C LYS A 32 15.68 -5.81 -33.60
N PHE A 33 14.88 -4.83 -33.18
CA PHE A 33 14.12 -4.94 -31.94
C PHE A 33 12.72 -4.38 -32.17
N VAL A 34 11.71 -5.22 -31.92
CA VAL A 34 10.32 -4.86 -32.11
C VAL A 34 9.68 -4.73 -30.73
N LEU A 35 9.23 -3.52 -30.39
CA LEU A 35 8.56 -3.25 -29.13
C LEU A 35 7.06 -3.11 -29.41
N ILE A 36 6.29 -4.11 -28.98
CA ILE A 36 4.85 -4.13 -29.20
C ILE A 36 4.17 -3.54 -27.96
N TYR A 37 3.40 -2.47 -28.16
CA TYR A 37 2.78 -1.73 -27.07
C TYR A 37 1.33 -1.42 -27.39
N SER A 38 0.61 -0.92 -26.39
CA SER A 38 -0.81 -0.65 -26.50
C SER A 38 -1.09 0.83 -26.77
N GLU A 39 -2.13 1.07 -27.57
CA GLU A 39 -2.63 2.40 -27.82
C GLU A 39 -3.67 2.77 -26.78
N LYS A 40 -3.85 4.07 -26.58
CA LYS A 40 -4.84 4.55 -25.62
C LYS A 40 -6.22 4.60 -26.28
N ASN A 41 -7.23 4.04 -25.60
CA ASN A 41 -8.61 4.10 -26.08
C ASN A 41 -9.51 4.19 -24.84
N ASP A 42 -10.02 5.39 -24.59
CA ASP A 42 -10.85 5.61 -23.41
C ASP A 42 -12.15 4.82 -23.49
N LYS A 43 -12.68 4.62 -24.70
CA LYS A 43 -13.97 3.96 -24.85
C LYS A 43 -13.94 2.52 -24.34
N ILE A 44 -12.82 1.82 -24.50
CA ILE A 44 -12.67 0.47 -23.97
C ILE A 44 -11.84 0.45 -22.69
N ASN A 45 -11.61 1.62 -22.08
CA ASN A 45 -10.89 1.74 -20.81
C ASN A 45 -9.47 1.15 -20.91
N GLN A 46 -8.78 1.50 -21.98
CA GLN A 46 -7.45 0.98 -22.27
C GLN A 46 -6.46 2.13 -22.26
N ASN A 47 -5.48 2.07 -21.35
CA ASN A 47 -4.40 3.04 -21.35
C ASN A 47 -3.26 2.53 -22.23
N SER A 48 -2.34 3.44 -22.55
CA SER A 48 -1.21 3.13 -23.42
C SER A 48 0.04 2.86 -22.59
N THR A 49 0.79 1.83 -23.01
CA THR A 49 2.11 1.57 -22.45
C THR A 49 3.23 2.18 -23.30
N TYR A 50 2.91 3.18 -24.11
CA TYR A 50 3.90 3.72 -25.04
C TYR A 50 5.03 4.43 -24.29
N ASP A 51 4.70 5.13 -23.20
CA ASP A 51 5.72 5.78 -22.40
C ASP A 51 6.79 4.79 -21.94
N TYR A 52 6.40 3.54 -21.65
CA TYR A 52 7.41 2.57 -21.25
C TYR A 52 8.24 2.11 -22.44
N ALA A 53 7.65 2.07 -23.64
CA ALA A 53 8.39 1.64 -24.82
C ALA A 53 9.46 2.66 -25.19
N LYS A 54 9.14 3.96 -25.08
CA LYS A 54 10.16 4.99 -25.29
C LYS A 54 11.29 4.86 -24.28
N LYS A 55 10.94 4.65 -23.00
CA LYS A 55 11.97 4.49 -21.98
C LYS A 55 12.79 3.24 -22.23
N LEU A 56 12.15 2.17 -22.71
CA LEU A 56 12.90 0.98 -23.09
C LEU A 56 13.85 1.29 -24.25
N LYS A 57 13.38 2.02 -25.26
CA LYS A 57 14.26 2.39 -26.36
C LYS A 57 15.38 3.29 -25.88
N GLU A 58 15.05 4.27 -25.02
CA GLU A 58 16.07 5.19 -24.54
C GLU A 58 17.15 4.46 -23.75
N HIS A 59 16.75 3.78 -22.67
CA HIS A 59 17.71 3.23 -21.74
C HIS A 59 18.37 1.93 -22.21
N LEU A 60 17.95 1.38 -23.35
CA LEU A 60 18.66 0.26 -23.95
C LEU A 60 19.51 0.66 -25.14
N ASN A 61 19.43 1.92 -25.57
CA ASN A 61 20.21 2.45 -26.69
C ASN A 61 19.94 1.67 -27.97
N LEU A 62 18.66 1.56 -28.31
CA LEU A 62 18.26 0.84 -29.52
C LEU A 62 18.36 1.73 -30.76
N ASN A 63 18.10 3.02 -30.62
CA ASN A 63 18.21 4.01 -31.70
C ASN A 63 17.24 3.60 -32.81
N ASP A 64 17.63 3.71 -34.08
CA ASP A 64 16.73 3.43 -35.20
C ASP A 64 16.61 1.94 -35.50
N LYS A 65 17.38 1.09 -34.81
CA LYS A 65 17.20 -0.35 -34.91
C LYS A 65 15.98 -0.83 -34.12
N CYS A 66 15.16 0.11 -33.65
CA CYS A 66 13.99 -0.20 -32.82
C CYS A 66 12.72 0.10 -33.63
N ILE A 67 11.82 -0.88 -33.68
CA ILE A 67 10.56 -0.74 -34.40
C ILE A 67 9.43 -0.75 -33.36
N PHE A 68 8.61 0.29 -33.38
CA PHE A 68 7.44 0.39 -32.51
C PHE A 68 6.22 -0.14 -33.26
N LEU A 69 5.48 -1.05 -32.62
CA LEU A 69 4.32 -1.69 -33.23
C LEU A 69 3.13 -1.55 -32.30
N PRO A 70 2.23 -0.61 -32.57
CA PRO A 70 1.10 -0.39 -31.66
C PRO A 70 -0.07 -1.34 -31.94
N LEU A 71 -0.75 -1.72 -30.86
CA LEU A 71 -1.93 -2.57 -30.92
C LEU A 71 -3.15 -1.76 -30.49
N SER A 72 -4.21 -1.81 -31.30
CA SER A 72 -5.38 -1.00 -31.01
C SER A 72 -6.17 -1.53 -29.83
N ASP A 73 -6.27 -2.86 -29.70
CA ASP A 73 -7.09 -3.49 -28.68
C ASP A 73 -6.34 -4.70 -28.14
N VAL A 74 -5.81 -4.58 -26.91
CA VAL A 74 -5.04 -5.65 -26.30
C VAL A 74 -5.89 -6.77 -25.73
N SER A 75 -7.20 -6.73 -25.92
CA SER A 75 -8.07 -7.79 -25.43
C SER A 75 -8.88 -8.42 -26.55
N ASN A 76 -8.66 -8.03 -27.79
CA ASN A 76 -9.38 -8.56 -28.94
C ASN A 76 -8.42 -9.36 -29.80
N SER A 77 -8.66 -10.67 -29.90
CA SER A 77 -7.78 -11.54 -30.67
C SER A 77 -7.67 -11.07 -32.12
N GLU A 78 -8.79 -10.68 -32.73
CA GLU A 78 -8.79 -10.37 -34.15
C GLU A 78 -7.97 -9.12 -34.44
N LYS A 79 -8.20 -8.05 -33.68
CA LYS A 79 -7.48 -6.80 -33.90
C LYS A 79 -5.99 -6.98 -33.67
N ILE A 80 -5.61 -7.78 -32.68
CA ILE A 80 -4.20 -8.05 -32.43
C ILE A 80 -3.58 -8.73 -33.65
N ILE A 81 -4.20 -9.81 -34.12
CA ILE A 81 -3.69 -10.54 -35.27
C ILE A 81 -3.60 -9.61 -36.48
N ASN A 82 -4.65 -8.83 -36.73
CA ASN A 82 -4.65 -7.91 -37.87
C ASN A 82 -3.54 -6.87 -37.74
N ASP A 83 -3.41 -6.25 -36.57
CA ASP A 83 -2.42 -5.18 -36.40
C ASP A 83 -1.00 -5.72 -36.53
N LEU A 84 -0.78 -6.98 -36.17
CA LEU A 84 0.54 -7.57 -36.35
C LEU A 84 0.87 -7.75 -37.82
N ARG A 85 -0.03 -8.39 -38.57
CA ARG A 85 0.23 -8.65 -39.98
C ARG A 85 0.42 -7.37 -40.77
N GLU A 86 -0.24 -6.29 -40.37
CA GLU A 86 -0.10 -5.02 -41.09
C GLU A 86 1.19 -4.30 -40.74
N LYS A 87 1.68 -4.43 -39.50
CA LYS A 87 2.78 -3.61 -39.03
C LYS A 87 4.06 -4.37 -38.70
N PHE A 88 4.03 -5.70 -38.59
CA PHE A 88 5.25 -6.42 -38.27
C PHE A 88 6.21 -6.36 -39.45
N PRO A 89 7.50 -6.18 -39.19
CA PRO A 89 8.46 -6.06 -40.30
C PRO A 89 8.48 -7.32 -41.16
N SER A 90 8.43 -7.12 -42.48
CA SER A 90 8.39 -8.21 -43.44
C SER A 90 9.78 -8.60 -43.96
N GLU A 91 10.84 -7.94 -43.52
CA GLU A 91 12.18 -8.30 -43.95
C GLU A 91 12.48 -9.76 -43.63
N ASP A 92 13.25 -10.41 -44.50
CA ASP A 92 13.61 -11.81 -44.31
C ASP A 92 14.61 -11.92 -43.16
N PHE A 93 14.15 -12.48 -42.04
CA PHE A 93 14.98 -12.66 -40.85
C PHE A 93 15.49 -14.09 -40.77
N VAL A 94 16.69 -14.23 -40.22
CA VAL A 94 17.26 -15.56 -39.98
C VAL A 94 16.83 -16.11 -38.64
N GLU A 95 16.70 -15.26 -37.63
CA GLU A 95 16.30 -15.66 -36.28
C GLU A 95 15.22 -14.73 -35.78
N VAL A 96 14.22 -15.30 -35.12
CA VAL A 96 13.13 -14.55 -34.52
C VAL A 96 12.98 -15.02 -33.08
N HIS A 97 13.28 -14.14 -32.13
CA HIS A 97 13.23 -14.42 -30.70
C HIS A 97 12.15 -13.55 -30.08
N LEU A 98 11.12 -14.18 -29.53
CA LEU A 98 10.03 -13.48 -28.86
C LEU A 98 10.07 -13.80 -27.37
N ASN A 99 10.32 -12.78 -26.56
CA ASN A 99 10.17 -12.88 -25.11
C ASN A 99 8.77 -12.42 -24.76
N TYR A 100 7.92 -13.36 -24.36
CA TYR A 100 6.50 -13.10 -24.08
C TYR A 100 6.23 -12.90 -22.59
N THR A 101 7.10 -12.17 -21.89
CA THR A 101 6.90 -12.00 -20.46
C THR A 101 5.87 -10.92 -20.15
N GLY A 102 5.85 -9.82 -20.92
CA GLY A 102 5.00 -8.70 -20.62
C GLY A 102 3.64 -8.75 -21.31
N GLY A 103 2.82 -7.75 -21.01
CA GLY A 103 1.54 -7.58 -21.67
C GLY A 103 0.45 -8.45 -21.09
N THR A 104 -0.73 -8.33 -21.70
CA THR A 104 -1.89 -9.14 -21.33
C THR A 104 -1.77 -10.57 -21.86
N LYS A 105 -2.66 -11.45 -21.38
CA LYS A 105 -2.65 -12.84 -21.82
C LYS A 105 -3.02 -12.97 -23.30
N THR A 106 -3.93 -12.13 -23.76
CA THR A 106 -4.29 -12.15 -25.17
C THR A 106 -3.10 -11.75 -26.03
N MET A 107 -2.36 -10.74 -25.59
CA MET A 107 -1.18 -10.30 -26.33
C MET A 107 -0.21 -11.46 -26.52
N VAL A 108 0.13 -12.15 -25.44
CA VAL A 108 1.15 -13.19 -25.55
C VAL A 108 0.63 -14.37 -26.37
N VAL A 109 -0.65 -14.72 -26.19
CA VAL A 109 -1.18 -15.90 -26.88
C VAL A 109 -1.11 -15.72 -28.39
N HIS A 110 -1.54 -14.56 -28.87
CA HIS A 110 -1.71 -14.36 -30.31
C HIS A 110 -0.42 -13.91 -30.99
N ILE A 111 0.37 -13.07 -30.33
CA ILE A 111 1.67 -12.70 -30.88
C ILE A 111 2.54 -13.93 -31.06
N TYR A 112 2.57 -14.79 -30.03
CA TYR A 112 3.40 -15.99 -30.08
C TYR A 112 3.04 -16.86 -31.27
N ASN A 113 1.75 -17.16 -31.43
CA ASN A 113 1.33 -18.06 -32.49
C ASN A 113 1.48 -17.42 -33.86
N PHE A 114 1.25 -16.11 -33.96
CA PHE A 114 1.50 -15.42 -35.22
C PHE A 114 2.96 -15.55 -35.65
N LEU A 115 3.88 -15.43 -34.70
CA LEU A 115 5.30 -15.56 -34.97
C LEU A 115 5.78 -17.01 -34.94
N LYS A 116 4.97 -17.95 -34.46
CA LYS A 116 5.32 -19.35 -34.55
C LYS A 116 4.96 -19.98 -35.88
N GLU A 117 4.05 -19.32 -36.60
CA GLU A 117 3.68 -19.79 -37.93
C GLU A 117 4.48 -19.04 -38.99
N LYS A 118 4.54 -17.71 -38.86
CA LYS A 118 5.27 -16.91 -39.84
C LYS A 118 6.71 -17.39 -39.99
N PHE A 119 7.29 -17.93 -38.92
CA PHE A 119 8.65 -18.44 -38.97
C PHE A 119 8.73 -19.89 -38.53
N ILE A 124 14.32 -20.69 -40.61
CA ILE A 124 14.35 -19.55 -39.71
C ILE A 124 14.33 -20.00 -38.25
N LYS A 125 15.37 -19.61 -37.50
CA LYS A 125 15.46 -19.94 -36.09
C LYS A 125 14.37 -19.23 -35.31
N PHE A 126 13.68 -19.98 -34.45
CA PHE A 126 12.62 -19.45 -33.60
C PHE A 126 12.81 -19.93 -32.17
N GLU A 127 12.60 -19.02 -31.22
CA GLU A 127 12.76 -19.33 -29.81
C GLU A 127 11.85 -18.42 -29.00
N GLY A 128 11.14 -19.01 -28.04
CA GLY A 128 10.30 -18.26 -27.11
C GLY A 128 11.00 -18.15 -25.77
N SER A 129 10.83 -16.99 -25.14
CA SER A 129 11.48 -16.75 -23.88
C SER A 129 10.54 -16.18 -22.83
N TYR A 130 10.93 -16.32 -21.58
CA TYR A 130 10.14 -15.83 -20.46
C TYR A 130 11.08 -15.67 -19.26
N LEU A 131 11.00 -14.51 -18.61
CA LEU A 131 11.84 -14.22 -17.45
C LEU A 131 11.05 -14.52 -16.17
N ASP A 132 11.57 -15.44 -15.37
CA ASP A 132 10.92 -15.83 -14.11
C ASP A 132 11.21 -14.79 -13.03
N ALA A 133 10.15 -14.23 -12.45
CA ALA A 133 10.32 -13.27 -11.35
C ALA A 133 10.66 -13.95 -10.03
N ARG A 134 10.38 -15.24 -9.89
CA ARG A 134 10.55 -15.90 -8.61
C ARG A 134 12.00 -16.35 -8.38
N ASP A 135 12.59 -17.04 -9.36
CA ASP A 135 13.96 -17.51 -9.23
C ASP A 135 14.91 -16.87 -10.24
N TYR A 136 14.52 -15.77 -10.87
CA TYR A 136 15.41 -14.91 -11.65
C TYR A 136 16.14 -15.70 -12.75
N LYS A 137 15.36 -16.35 -13.62
CA LYS A 137 15.94 -17.13 -14.71
C LYS A 137 15.24 -16.80 -16.02
N LEU A 138 16.00 -16.79 -17.10
CA LEU A 138 15.46 -16.64 -18.45
C LEU A 138 15.33 -18.02 -19.06
N VAL A 139 14.10 -18.50 -19.23
CA VAL A 139 13.83 -19.85 -19.69
C VAL A 139 13.57 -19.80 -21.19
N TYR A 140 14.33 -20.59 -21.95
CA TYR A 140 14.15 -20.73 -23.38
C TYR A 140 13.26 -21.93 -23.65
N ASP A 141 12.35 -21.78 -24.62
CA ASP A 141 11.38 -22.84 -24.89
C ASP A 141 12.03 -24.04 -25.55
N TYR A 142 12.78 -23.82 -26.63
CA TYR A 142 13.34 -24.93 -27.39
C TYR A 142 14.76 -25.29 -26.96
N SER A 143 15.59 -24.29 -26.66
CA SER A 143 16.93 -24.58 -26.14
C SER A 143 16.88 -25.30 -24.79
N GLU A 144 15.74 -25.21 -24.08
CA GLU A 144 15.56 -25.86 -22.78
C GLU A 144 16.60 -25.43 -21.77
N GLU A 145 17.11 -24.20 -21.92
CA GLU A 145 18.08 -23.63 -21.01
C GLU A 145 17.41 -22.59 -20.11
N ALA A 146 17.88 -22.53 -18.86
CA ALA A 146 17.38 -21.59 -17.87
C ALA A 146 18.58 -20.89 -17.26
N ILE A 147 18.99 -19.79 -17.88
CA ILE A 147 20.14 -19.02 -17.42
C ILE A 147 19.68 -18.03 -16.36
N SER A 148 20.44 -17.92 -15.28
CA SER A 148 20.13 -16.97 -14.22
C SER A 148 20.66 -15.59 -14.60
N LEU A 149 19.83 -14.57 -14.41
CA LEU A 149 20.24 -13.19 -14.59
C LEU A 149 20.35 -12.44 -13.27
N LYS A 150 20.22 -13.14 -12.14
CA LYS A 150 20.21 -12.48 -10.83
C LYS A 150 21.49 -11.70 -10.59
N ASP A 151 22.64 -12.34 -10.80
CA ASP A 151 23.93 -11.75 -10.49
C ASP A 151 24.60 -11.08 -11.68
N THR A 152 24.04 -11.20 -12.89
CA THR A 152 24.70 -10.70 -14.09
C THR A 152 24.11 -9.37 -14.57
N ILE A 153 22.80 -9.28 -14.73
CA ILE A 153 22.19 -8.01 -15.15
C ILE A 153 22.12 -7.06 -13.96
N LYS A 154 22.65 -5.86 -14.15
CA LYS A 154 22.67 -4.83 -13.11
C LYS A 154 21.84 -3.64 -13.56
N ILE A 155 21.52 -2.78 -12.60
CA ILE A 155 20.74 -1.56 -12.86
C ILE A 155 21.01 -0.58 -11.72
N ASP A 156 21.05 0.70 -12.06
CA ASP A 156 21.30 1.73 -11.06
C ASP A 156 20.00 2.45 -10.72
N ILE A 157 20.06 3.27 -9.68
CA ILE A 157 18.85 3.90 -9.15
C ILE A 157 18.28 4.89 -10.16
N ASN A 158 19.11 5.50 -10.98
CA ASN A 158 18.60 6.47 -11.96
C ASN A 158 17.82 5.77 -13.06
N THR A 159 18.44 4.75 -13.65
CA THR A 159 17.76 3.96 -14.68
C THR A 159 16.48 3.34 -14.16
N LEU A 160 16.52 2.78 -12.94
CA LEU A 160 15.36 2.07 -12.41
C LEU A 160 14.16 2.98 -12.23
N LEU A 161 14.38 4.16 -11.65
CA LEU A 161 13.28 5.09 -11.46
C LEU A 161 12.83 5.71 -12.78
N SER A 162 13.76 5.91 -13.71
CA SER A 162 13.42 6.58 -14.97
C SER A 162 12.49 5.73 -15.82
N ILE A 163 12.78 4.43 -15.97
CA ILE A 163 11.92 3.59 -16.77
C ILE A 163 10.54 3.43 -16.14
N HIS A 164 10.40 3.78 -14.86
CA HIS A 164 9.10 3.85 -14.21
C HIS A 164 8.54 5.26 -14.21
N LEU A 165 9.08 6.12 -15.07
CA LEU A 165 8.58 7.47 -15.34
C LEU A 165 8.88 8.45 -14.20
N TYR A 166 9.81 8.12 -13.30
CA TYR A 166 10.19 9.01 -12.22
C TYR A 166 11.45 9.77 -12.59
N GLU A 167 11.38 11.09 -12.54
CA GLU A 167 12.49 11.98 -12.82
C GLU A 167 12.81 12.80 -11.57
N ASP A 168 13.79 13.69 -11.69
CA ASP A 168 14.18 14.61 -10.63
C ASP A 168 14.36 13.88 -9.30
N ILE A 169 15.38 13.02 -9.27
CA ILE A 169 15.66 12.28 -8.05
C ILE A 169 16.95 12.75 -7.40
N HIS A 170 16.94 12.89 -6.09
CA HIS A 170 18.14 13.29 -5.37
C HIS A 170 18.27 12.45 -4.11
N PHE A 171 19.48 12.35 -3.59
CA PHE A 171 19.73 11.52 -2.43
C PHE A 171 21.02 11.98 -1.77
N GLU A 172 21.31 11.42 -0.60
CA GLU A 172 22.48 11.78 0.18
C GLU A 172 23.47 10.62 0.23
N PHE A 173 24.75 10.97 0.26
CA PHE A 173 25.82 10.00 0.44
C PHE A 173 26.19 9.92 1.92
N TYR A 174 27.02 8.93 2.23
CA TYR A 174 27.52 8.75 3.58
C TYR A 174 28.29 9.99 4.06
N ASP A 175 28.99 10.66 3.15
CA ASP A 175 29.82 11.81 3.50
C ASP A 175 29.06 13.12 3.49
N THR A 176 27.98 13.22 2.70
CA THR A 176 27.19 14.43 2.59
C THR A 176 25.94 14.38 3.46
N TYR A 177 25.90 13.48 4.44
CA TYR A 177 24.74 13.35 5.30
C TYR A 177 24.42 14.68 5.98
N SER A 178 23.12 14.96 6.14
CA SER A 178 22.70 16.29 6.58
C SER A 178 23.19 16.61 7.98
N TYR A 179 23.09 15.66 8.90
CA TYR A 179 23.44 15.96 10.29
C TYR A 179 24.94 15.97 10.53
N LYS A 180 25.74 15.49 9.59
CA LYS A 180 27.17 15.76 9.64
C LYS A 180 27.45 17.24 9.45
N GLN A 181 26.69 17.89 8.60
CA GLN A 181 26.87 19.32 8.36
C GLN A 181 26.43 20.13 9.57
N LYS A 182 25.46 19.61 10.30
CA LYS A 182 24.95 20.32 11.47
C LYS A 182 25.80 20.09 12.72
N PHE A 183 26.40 18.91 12.83
CA PHE A 183 27.22 18.59 13.99
C PHE A 183 28.67 18.35 13.61
N VAL A 184 29.26 19.25 12.85
CA VAL A 184 30.66 19.14 12.46
C VAL A 184 31.54 19.05 13.71
N ASP A 185 32.50 18.13 13.68
CA ASP A 185 33.43 17.82 14.76
C ASP A 185 32.75 17.20 15.98
N SER A 186 31.42 17.06 15.97
CA SER A 186 30.70 16.34 17.00
C SER A 186 29.99 15.10 16.49
N PHE A 187 29.60 15.07 15.22
CA PHE A 187 28.72 14.01 14.71
C PHE A 187 29.28 12.62 15.01
N ASP A 188 30.57 12.42 14.74
CA ASP A 188 31.16 11.10 14.95
C ASP A 188 31.11 10.70 16.42
N LYS A 189 31.33 11.66 17.32
CA LYS A 189 31.26 11.34 18.75
C LYS A 189 29.84 10.98 19.15
N ILE A 190 28.86 11.72 18.64
CA ILE A 190 27.46 11.45 18.97
C ILE A 190 27.03 10.11 18.39
N SER A 191 27.39 9.84 17.13
CA SER A 191 26.96 8.62 16.47
C SER A 191 27.69 7.39 17.00
N GLN A 192 28.96 7.53 17.38
CA GLN A 192 29.68 6.39 17.96
C GLN A 192 29.11 6.02 19.33
N GLU A 193 28.69 7.02 20.10
CA GLU A 193 28.17 6.74 21.43
C GLU A 193 26.82 6.03 21.35
N ILE A 194 25.94 6.51 20.46
CA ILE A 194 24.65 5.86 20.27
C ILE A 194 24.83 4.44 19.75
N GLU A 195 25.67 4.28 18.72
CA GLU A 195 25.90 2.97 18.14
C GLU A 195 26.34 1.95 19.19
N LYS A 196 27.21 2.38 20.11
CA LYS A 196 27.70 1.44 21.12
C LYS A 196 26.59 1.00 22.05
N ALA A 197 25.70 1.91 22.44
CA ALA A 197 24.58 1.54 23.29
C ALA A 197 23.61 0.62 22.55
N ILE A 198 23.43 0.84 21.25
CA ILE A 198 22.51 -0.01 20.49
C ILE A 198 23.11 -1.40 20.30
N LYS A 199 24.40 -1.47 20.01
CA LYS A 199 25.10 -2.75 19.97
C LYS A 199 25.24 -3.38 21.35
N ASP A 200 24.99 -2.63 22.41
CA ASP A 200 24.95 -3.17 23.76
C ASP A 200 23.52 -3.47 24.22
N ASP A 201 22.61 -3.72 23.28
CA ASP A 201 21.24 -4.16 23.58
C ASP A 201 20.49 -3.15 24.45
N LYS A 202 20.77 -1.86 24.25
CA LYS A 202 20.07 -0.80 24.97
C LYS A 202 18.96 -0.18 24.13
N GLY A 203 18.67 -0.75 22.96
CA GLY A 203 17.65 -0.15 22.10
C GLY A 203 16.30 0.00 22.79
N GLU A 204 15.85 -1.06 23.46
CA GLU A 204 14.55 -1.02 24.14
C GLU A 204 14.52 0.09 25.19
N ASP A 205 15.54 0.15 26.05
CA ASP A 205 15.56 1.15 27.10
C ASP A 205 15.65 2.56 26.54
N PHE A 206 16.32 2.73 25.41
CA PHE A 206 16.40 4.04 24.76
C PHE A 206 15.02 4.52 24.33
N VAL A 207 14.27 3.67 23.61
CA VAL A 207 12.98 4.09 23.09
C VAL A 207 11.94 4.29 24.19
N LYS A 208 12.14 3.69 25.37
CA LYS A 208 11.23 3.98 26.48
C LYS A 208 11.52 5.35 27.06
N TRP A 209 12.80 5.63 27.31
CA TRP A 209 13.18 6.96 27.76
C TRP A 209 12.84 8.02 26.73
N LEU A 210 12.88 7.66 25.45
CA LEU A 210 12.49 8.60 24.41
C LEU A 210 10.99 8.89 24.46
N GLU A 211 10.18 7.89 24.80
CA GLU A 211 8.75 8.13 24.93
C GLU A 211 8.44 8.91 26.20
N ASP A 212 9.03 8.50 27.33
CA ASP A 212 8.89 9.20 28.60
C ASP A 212 10.23 9.13 29.32
N PRO A 213 10.80 10.27 29.75
CA PRO A 213 10.26 11.64 29.72
C PRO A 213 10.61 12.48 28.49
N PHE A 214 11.42 11.99 27.55
CA PHE A 214 11.95 12.85 26.49
C PHE A 214 10.82 13.49 25.67
N ARG A 215 9.99 12.66 25.03
CA ARG A 215 8.93 13.20 24.19
C ARG A 215 7.88 13.97 25.00
N LYS A 216 7.80 13.73 26.31
CA LYS A 216 6.91 14.52 27.14
C LYS A 216 7.45 15.93 27.34
N ILE A 217 8.76 16.09 27.40
CA ILE A 217 9.37 17.39 27.67
C ILE A 217 9.56 18.20 26.39
N PHE A 218 10.07 17.56 25.34
CA PHE A 218 10.55 18.28 24.16
C PHE A 218 9.60 18.21 22.99
N LYS A 219 8.35 17.81 23.21
CA LYS A 219 7.36 17.76 22.14
C LYS A 219 6.03 18.32 22.64
N GLY A 220 5.26 18.88 21.72
CA GLY A 220 3.98 19.47 22.10
C GLY A 220 3.62 20.63 21.19
N GLU A 221 3.39 21.80 21.77
CA GLU A 221 3.04 22.97 20.99
C GLU A 221 4.03 23.19 19.84
N ASN A 222 3.53 23.47 18.65
CA ASN A 222 4.41 23.74 17.52
C ASN A 222 5.31 24.93 17.84
N LYS A 223 6.54 24.86 17.33
CA LYS A 223 7.58 25.86 17.61
C LYS A 223 7.85 25.98 19.10
N LEU A 224 7.66 24.88 19.84
CA LEU A 224 7.92 24.89 21.28
C LEU A 224 9.38 25.22 21.56
N LEU A 225 10.29 24.70 20.73
CA LEU A 225 11.72 24.87 20.93
C LEU A 225 12.28 26.07 20.21
N GLU A 226 11.43 26.95 19.68
CA GLU A 226 11.88 28.13 18.96
C GLU A 226 11.37 29.44 19.54
N LYS A 227 10.41 29.39 20.45
CA LYS A 227 9.93 30.57 21.15
C LYS A 227 10.02 30.31 22.64
N THR A 228 10.84 31.10 23.34
CA THR A 228 11.04 30.89 24.78
C THR A 228 9.74 31.02 25.56
N ALA A 229 8.80 31.83 25.08
CA ALA A 229 7.53 31.98 25.76
C ALA A 229 6.74 30.67 25.75
N LYS A 230 6.67 30.01 24.60
CA LYS A 230 5.99 28.71 24.52
C LYS A 230 6.69 27.69 25.39
N PHE A 231 8.02 27.63 25.33
CA PHE A 231 8.77 26.67 26.14
C PHE A 231 8.69 27.03 27.61
N LYS A 232 8.54 28.31 27.94
CA LYS A 232 8.39 28.71 29.34
C LYS A 232 7.08 28.20 29.90
N LYS A 233 5.97 28.47 29.20
CA LYS A 233 4.67 28.02 29.70
C LYS A 233 4.61 26.50 29.80
N HIS A 234 5.27 25.79 28.88
CA HIS A 234 5.22 24.33 28.90
C HIS A 234 5.89 23.77 30.14
N ILE A 235 7.06 24.29 30.51
CA ILE A 235 7.78 23.73 31.66
C ILE A 235 7.05 24.08 32.96
N GLU A 236 6.38 25.23 33.00
CA GLU A 236 5.56 25.56 34.17
C GLU A 236 4.38 24.61 34.28
N LYS A 237 3.72 24.33 33.17
CA LYS A 237 2.63 23.36 33.14
C LYS A 237 3.09 21.94 33.42
N LEU A 238 4.40 21.70 33.42
CA LEU A 238 4.97 20.41 33.83
C LEU A 238 5.42 20.41 35.28
N LEU A 239 4.76 21.21 36.12
CA LEU A 239 5.11 21.28 37.53
C LEU A 239 3.92 20.93 38.42
N SER A 244 5.31 13.74 39.85
CA SER A 244 4.56 13.17 38.75
C SER A 244 5.07 13.71 37.41
N SER A 245 5.93 14.71 37.48
CA SER A 245 6.35 15.42 36.28
C SER A 245 7.49 14.70 35.57
N PRO A 246 7.54 14.79 34.24
CA PRO A 246 8.65 14.16 33.50
C PRO A 246 10.00 14.74 33.83
N ILE A 247 10.05 15.97 34.36
CA ILE A 247 11.33 16.60 34.68
C ILE A 247 12.07 15.79 35.73
N VAL A 248 11.37 15.34 36.77
CA VAL A 248 12.01 14.52 37.79
C VAL A 248 12.41 13.17 37.23
N LYS A 249 11.55 12.58 36.39
CA LYS A 249 11.92 11.35 35.69
C LYS A 249 13.21 11.53 34.90
N PHE A 250 13.37 12.69 34.25
CA PHE A 250 14.62 12.98 33.55
C PHE A 250 15.75 13.23 34.54
N ASN A 251 15.54 14.15 35.48
CA ASN A 251 16.62 14.55 36.39
C ASN A 251 17.10 13.39 37.24
N GLU A 252 16.18 12.54 37.68
CA GLU A 252 16.48 11.55 38.71
C GLU A 252 16.51 10.11 38.22
N LYS A 253 15.73 9.76 37.19
CA LYS A 253 15.66 8.39 36.71
C LYS A 253 16.08 8.29 35.25
N THR A 254 17.18 8.96 34.89
CA THR A 254 17.78 8.77 33.58
C THR A 254 18.98 7.85 33.72
N PRO A 255 19.03 6.74 33.00
CA PRO A 255 20.17 5.83 33.13
C PRO A 255 21.44 6.43 32.52
N GLN A 256 22.54 5.73 32.78
CA GLN A 256 23.85 6.32 32.54
C GLN A 256 24.21 6.36 31.06
N PHE A 257 23.89 5.30 30.31
CA PHE A 257 24.29 5.26 28.90
C PHE A 257 23.64 6.39 28.11
N ILE A 258 22.47 6.85 28.54
CA ILE A 258 21.86 8.00 27.89
C ILE A 258 22.59 9.28 28.28
N TRP A 259 22.97 9.40 29.56
CA TRP A 259 23.81 10.51 29.98
C TRP A 259 25.08 10.58 29.13
N ASP A 260 25.66 9.42 28.82
CA ASP A 260 26.80 9.39 27.92
C ASP A 260 26.42 9.88 26.53
N ILE A 261 25.21 9.55 26.08
CA ILE A 261 24.77 10.00 24.76
C ILE A 261 24.48 11.50 24.79
N LEU A 262 23.78 11.96 25.84
CA LEU A 262 23.48 13.37 25.97
C LEU A 262 24.76 14.20 26.07
N ASN A 263 25.75 13.74 26.84
CA ASN A 263 27.00 14.46 26.99
C ASN A 263 27.92 14.31 25.78
N ALA A 264 27.50 13.57 24.75
CA ALA A 264 28.29 13.52 23.52
C ALA A 264 28.12 14.77 22.68
N PHE A 265 26.99 15.45 22.80
CA PHE A 265 26.76 16.70 22.12
C PHE A 265 27.68 17.79 22.67
N PRO A 266 27.99 18.81 21.88
CA PRO A 266 28.71 19.96 22.42
C PRO A 266 27.89 20.66 23.49
N GLU A 267 28.60 21.28 24.44
CA GLU A 267 27.93 21.91 25.58
C GLU A 267 26.85 22.89 25.14
N GLY A 268 27.14 23.68 24.10
CA GLY A 268 26.17 24.61 23.57
C GLY A 268 24.98 23.98 22.88
N LYS A 269 24.98 22.66 22.74
CA LYS A 269 23.85 21.95 22.16
C LYS A 269 23.33 20.82 23.05
N LYS A 270 23.77 20.75 24.30
CA LYS A 270 23.33 19.70 25.22
C LYS A 270 21.96 20.03 25.79
N LEU A 271 21.08 19.03 25.83
CA LEU A 271 19.78 19.17 26.49
C LEU A 271 19.91 19.28 28.01
N ASN A 272 21.01 18.80 28.57
CA ASN A 272 21.23 18.79 30.01
C ASN A 272 22.03 20.01 30.44
N ASP A 273 21.91 20.33 31.73
CA ASP A 273 22.67 21.40 32.37
C ASP A 273 23.39 20.79 33.57
N GLY A 274 24.44 20.04 33.30
CA GLY A 274 25.07 19.21 34.33
C GLY A 274 24.43 17.82 34.34
N GLN A 275 23.91 17.42 35.50
CA GLN A 275 23.19 16.17 35.64
C GLN A 275 21.68 16.40 35.82
N LYS A 276 21.21 17.55 35.35
CA LYS A 276 19.77 17.85 35.31
C LYS A 276 19.41 18.42 33.95
N LEU A 277 18.19 18.97 33.83
CA LEU A 277 17.66 19.43 32.57
C LEU A 277 17.84 20.94 32.42
N TRP A 278 18.39 21.36 31.29
CA TRP A 278 18.60 22.78 31.06
C TRP A 278 17.25 23.49 30.89
N ILE A 279 17.04 24.53 31.68
CA ILE A 279 15.84 25.35 31.62
C ILE A 279 16.27 26.77 31.30
N PRO A 280 15.69 27.41 30.28
CA PRO A 280 16.12 28.77 29.93
C PRO A 280 15.62 29.80 30.92
N ASP A 281 16.50 30.76 31.24
CA ASP A 281 16.12 31.89 32.07
C ASP A 281 15.36 32.90 31.19
N ASP A 282 15.03 34.06 31.75
CA ASP A 282 14.43 35.11 30.93
C ASP A 282 15.47 35.86 30.10
N LYS A 283 16.75 35.59 30.32
CA LYS A 283 17.81 36.14 29.47
C LYS A 283 17.91 35.40 28.15
N ILE A 284 17.66 34.08 28.15
CA ILE A 284 17.75 33.29 26.92
C ILE A 284 16.61 33.70 25.99
N THR A 285 16.95 34.01 24.75
CA THR A 285 16.01 34.50 23.76
C THR A 285 15.53 33.37 22.86
N ASN A 286 14.65 33.70 21.93
CA ASN A 286 14.10 32.70 21.01
C ASN A 286 15.19 31.99 20.24
N ASP A 287 16.09 32.76 19.61
CA ASP A 287 17.15 32.15 18.83
C ASP A 287 18.13 31.39 19.70
N ASN A 288 18.38 31.87 20.92
CA ASN A 288 19.25 31.15 21.84
C ASN A 288 18.69 29.77 22.16
N LEU A 289 17.39 29.70 22.46
CA LEU A 289 16.75 28.42 22.73
C LEU A 289 16.84 27.51 21.50
N SER A 290 16.53 28.05 20.33
CA SER A 290 16.55 27.24 19.11
C SER A 290 17.94 26.69 18.83
N SER A 291 18.98 27.54 18.97
CA SER A 291 20.34 27.11 18.66
C SER A 291 20.84 26.03 19.61
N ARG A 292 20.18 25.84 20.74
CA ARG A 292 20.65 24.89 21.75
C ARG A 292 20.04 23.49 21.57
N VAL A 293 18.72 23.42 21.42
CA VAL A 293 18.03 22.13 21.54
C VAL A 293 17.38 21.66 20.25
N LYS A 294 17.10 22.54 19.29
CA LYS A 294 16.29 22.14 18.14
C LYS A 294 16.93 20.98 17.37
N ASP A 295 18.18 21.16 16.92
CA ASP A 295 18.87 20.11 16.17
C ASP A 295 19.09 18.87 17.03
N THR A 296 19.37 19.06 18.31
CA THR A 296 19.65 17.92 19.18
C THR A 296 18.39 17.11 19.48
N VAL A 297 17.25 17.80 19.62
CA VAL A 297 16.01 17.08 19.85
C VAL A 297 15.58 16.36 18.58
N GLU A 298 15.69 17.02 17.43
CA GLU A 298 15.30 16.39 16.17
C GLU A 298 16.14 15.15 15.89
N PHE A 299 17.43 15.20 16.22
CA PHE A 299 18.28 14.04 15.98
C PHE A 299 17.96 12.90 16.93
N LEU A 300 17.66 13.22 18.19
CA LEU A 300 17.37 12.17 19.17
C LEU A 300 15.98 11.60 19.00
N ASN A 301 15.04 12.40 18.49
CA ASN A 301 13.67 11.94 18.33
C ASN A 301 13.47 10.98 17.16
N GLY A 302 14.52 10.67 16.40
CA GLY A 302 14.35 9.78 15.26
C GLY A 302 15.39 9.79 14.15
N LYS A 303 15.92 10.97 13.81
CA LYS A 303 16.87 11.04 12.70
C LYS A 303 18.10 10.17 12.95
N TRP A 304 18.51 10.05 14.21
CA TRP A 304 19.68 9.23 14.53
C TRP A 304 19.54 7.80 14.01
N PHE A 305 18.32 7.27 14.01
CA PHE A 305 18.12 5.88 13.65
C PHE A 305 18.30 5.66 12.16
N GLU A 306 17.93 6.64 11.33
CA GLU A 306 18.26 6.57 9.91
C GLU A 306 19.77 6.42 9.71
N TRP A 307 20.55 7.25 10.40
CA TRP A 307 22.00 7.19 10.22
C TRP A 307 22.57 5.89 10.77
N TYR A 308 22.03 5.41 11.90
CA TYR A 308 22.56 4.19 12.50
C TYR A 308 22.39 3.00 11.56
N VAL A 309 21.19 2.83 11.01
CA VAL A 309 20.94 1.68 10.14
C VAL A 309 21.78 1.77 8.88
N TYR A 310 21.84 2.95 8.27
CA TYR A 310 22.67 3.14 7.09
C TYR A 310 24.13 2.86 7.40
N SER A 311 24.58 3.23 8.60
CA SER A 311 25.97 2.98 8.96
C SER A 311 26.24 1.50 9.15
N GLN A 312 25.25 0.74 9.60
CA GLN A 312 25.44 -0.68 9.87
C GLN A 312 25.38 -1.54 8.62
N ILE A 313 25.14 -0.95 7.44
CA ILE A 313 25.03 -1.72 6.22
C ILE A 313 26.01 -1.27 5.14
N LYS A 314 26.55 -0.05 5.21
CA LYS A 314 27.40 0.45 4.14
C LYS A 314 28.61 -0.45 3.91
N SER A 315 29.21 -0.96 4.99
CA SER A 315 30.37 -1.83 4.83
C SER A 315 29.99 -3.13 4.14
N GLU A 316 28.87 -3.74 4.54
CA GLU A 316 28.46 -5.00 3.94
C GLU A 316 28.04 -4.85 2.48
N LEU A 317 27.56 -3.66 2.10
CA LEU A 317 27.20 -3.44 0.69
C LEU A 317 28.43 -3.19 -0.17
N LEU A 318 29.39 -2.39 0.33
CA LEU A 318 30.62 -2.19 -0.41
C LEU A 318 31.38 -3.50 -0.59
N ASP A 319 31.31 -4.40 0.41
CA ASP A 319 31.99 -5.67 0.29
C ASP A 319 31.42 -6.50 -0.85
N ARG A 320 30.12 -6.40 -1.11
CA ARG A 320 29.47 -7.10 -2.21
C ARG A 320 29.64 -6.39 -3.54
N LYS A 321 30.55 -5.41 -3.62
CA LYS A 321 30.86 -4.67 -4.84
C LYS A 321 29.72 -3.77 -5.30
N LEU A 322 28.82 -3.40 -4.40
CA LEU A 322 27.84 -2.37 -4.70
C LEU A 322 28.50 -1.00 -4.64
N LYS A 323 27.95 -0.05 -5.39
CA LYS A 323 28.51 1.29 -5.46
C LYS A 323 27.49 2.30 -4.93
N GLU A 324 27.90 3.06 -3.93
CA GLU A 324 27.03 4.07 -3.35
C GLU A 324 26.62 5.08 -4.41
N GLY A 325 25.38 5.54 -4.34
CA GLY A 325 24.85 6.48 -5.29
C GLY A 325 24.30 5.85 -6.55
N GLU A 326 24.76 4.65 -6.90
CA GLU A 326 24.15 3.86 -7.95
C GLU A 326 23.26 2.75 -7.40
N HIS A 327 23.70 2.07 -6.34
CA HIS A 327 23.01 0.90 -5.83
C HIS A 327 22.54 1.04 -4.39
N PHE A 328 22.98 2.07 -3.67
CA PHE A 328 22.40 2.35 -2.36
C PHE A 328 22.61 3.82 -2.03
N GLY A 329 21.81 4.30 -1.09
CA GLY A 329 21.85 5.70 -0.70
C GLY A 329 20.85 5.95 0.39
N ILE A 330 20.88 7.17 0.92
CA ILE A 330 20.03 7.54 2.03
C ILE A 330 19.26 8.81 1.67
N SER A 331 18.03 8.91 2.20
CA SER A 331 17.19 10.11 2.03
C SER A 331 16.94 10.39 0.55
N LEU A 332 16.45 9.38 -0.17
CA LEU A 332 16.13 9.56 -1.57
C LEU A 332 14.80 10.29 -1.73
N LYS A 333 14.72 11.11 -2.77
CA LYS A 333 13.50 11.85 -3.09
C LYS A 333 13.30 11.82 -4.60
N ALA A 334 12.06 11.62 -5.04
CA ALA A 334 11.78 11.55 -6.47
C ALA A 334 10.33 11.95 -6.70
N GLN A 335 9.97 12.07 -7.98
CA GLN A 335 8.62 12.50 -8.37
C GLN A 335 8.42 12.21 -9.85
N LYS A 336 7.17 11.95 -10.22
CA LYS A 336 6.79 11.97 -11.61
C LYS A 336 6.72 13.42 -12.09
N LYS A 337 6.70 13.60 -13.41
CA LYS A 337 6.58 14.92 -13.99
C LYS A 337 5.30 15.61 -13.52
N ASP A 338 5.44 16.81 -12.96
CA ASP A 338 4.33 17.61 -12.48
C ASP A 338 3.45 16.82 -11.50
N SER A 339 4.09 16.30 -10.46
CA SER A 339 3.42 15.51 -9.44
C SER A 339 4.16 15.71 -8.13
N PRO A 340 3.51 15.48 -7.00
CA PRO A 340 4.21 15.63 -5.71
C PRO A 340 5.33 14.61 -5.57
N TYR A 341 6.29 14.96 -4.73
CA TYR A 341 7.42 14.08 -4.49
C TYR A 341 7.20 13.28 -3.22
N PHE A 342 7.96 12.20 -3.08
CA PHE A 342 7.94 11.36 -1.90
C PHE A 342 9.38 11.11 -1.45
N ALA A 343 9.52 10.74 -0.18
CA ALA A 343 10.81 10.53 0.45
C ALA A 343 10.93 9.07 0.88
N LEU A 344 12.11 8.49 0.69
CA LEU A 344 12.40 7.12 1.10
C LEU A 344 13.68 7.11 1.92
N ASP A 345 13.62 6.51 3.11
CA ASP A 345 14.73 6.61 4.06
C ASP A 345 16.01 6.02 3.48
N ILE A 346 15.96 4.75 3.06
CA ILE A 346 17.11 4.07 2.49
C ILE A 346 16.66 3.27 1.27
N PHE A 347 17.52 3.20 0.25
CA PHE A 347 17.27 2.36 -0.90
C PHE A 347 18.49 1.50 -1.18
N LEU A 348 18.24 0.34 -1.78
CA LEU A 348 19.25 -0.66 -2.09
C LEU A 348 18.77 -1.43 -3.31
N ILE A 349 19.70 -1.83 -4.16
CA ILE A 349 19.40 -2.62 -5.36
C ILE A 349 20.27 -3.86 -5.36
N ASN A 350 19.65 -5.04 -5.30
CA ASN A 350 20.36 -6.31 -5.37
C ASN A 350 20.13 -6.88 -6.77
N GLY A 351 21.17 -6.79 -7.61
CA GLY A 351 21.04 -7.18 -9.00
C GLY A 351 20.11 -6.18 -9.65
N TYR A 352 18.87 -6.60 -9.92
CA TYR A 352 17.85 -5.67 -10.39
C TYR A 352 16.56 -5.67 -9.57
N GLN A 353 16.59 -6.10 -8.32
CA GLN A 353 15.46 -5.96 -7.41
C GLN A 353 15.67 -4.74 -6.53
N LEU A 354 14.72 -3.81 -6.53
CA LEU A 354 14.75 -2.70 -5.60
C LEU A 354 14.40 -3.18 -4.19
N ILE A 355 15.16 -2.72 -3.21
CA ILE A 355 14.78 -2.88 -1.80
C ILE A 355 14.69 -1.50 -1.19
N GLY A 356 13.50 -1.15 -0.70
CA GLY A 356 13.27 0.12 -0.03
C GLY A 356 13.09 -0.10 1.46
N ILE A 357 13.81 0.70 2.25
CA ILE A 357 13.84 0.54 3.69
C ILE A 357 13.23 1.79 4.33
N SER A 358 12.19 1.59 5.13
CA SER A 358 11.53 2.67 5.86
C SER A 358 11.77 2.47 7.36
N LEU A 359 12.17 3.53 8.03
CA LEU A 359 12.67 3.45 9.40
C LEU A 359 11.78 4.24 10.35
N THR A 360 11.53 3.68 11.53
CA THR A 360 10.89 4.44 12.59
C THR A 360 11.38 3.91 13.93
N THR A 361 11.47 4.80 14.91
CA THR A 361 11.74 4.37 16.28
C THR A 361 10.47 4.02 17.04
N SER A 362 9.30 4.31 16.48
CA SER A 362 8.05 4.10 17.18
C SER A 362 7.84 2.62 17.49
N SER A 363 7.12 2.37 18.58
CA SER A 363 6.70 1.02 18.96
C SER A 363 5.20 0.88 18.90
N THR A 364 4.48 1.89 18.40
CA THR A 364 3.04 1.90 18.41
C THR A 364 2.51 1.22 17.16
N ARG A 365 1.57 0.29 17.34
CA ARG A 365 1.12 -0.58 16.26
C ARG A 365 0.55 0.23 15.10
N GLU A 366 -0.41 1.11 15.38
CA GLU A 366 -1.10 1.83 14.32
C GLU A 366 -0.13 2.63 13.46
N LEU A 367 0.79 3.36 14.10
CA LEU A 367 1.74 4.18 13.36
C LEU A 367 2.62 3.33 12.45
N CYS A 368 3.09 2.18 12.95
CA CYS A 368 3.97 1.35 12.14
C CYS A 368 3.19 0.68 11.02
N LYS A 369 1.95 0.25 11.30
CA LYS A 369 1.09 -0.32 10.28
C LYS A 369 0.92 0.64 9.10
N LEU A 370 0.63 1.92 9.38
CA LEU A 370 0.56 2.91 8.30
C LEU A 370 1.92 3.10 7.63
N LYS A 371 3.02 3.03 8.39
CA LYS A 371 4.33 3.07 7.74
C LYS A 371 4.49 1.90 6.78
N GLY A 372 3.88 0.77 7.11
CA GLY A 372 4.00 -0.41 6.26
C GLY A 372 3.27 -0.25 4.95
N PHE A 373 2.03 0.25 4.99
CA PHE A 373 1.33 0.51 3.75
C PHE A 373 2.13 1.46 2.86
N GLU A 374 2.76 2.46 3.47
CA GLU A 374 3.49 3.47 2.70
C GLU A 374 4.63 2.85 1.91
N VAL A 375 5.54 2.16 2.60
CA VAL A 375 6.74 1.64 1.95
C VAL A 375 6.38 0.57 0.93
N ILE A 376 5.27 -0.15 1.15
CA ILE A 376 4.80 -1.13 0.17
C ILE A 376 4.42 -0.44 -1.13
N HIS A 377 3.69 0.67 -1.04
CA HIS A 377 3.18 1.31 -2.25
C HIS A 377 4.28 2.07 -2.99
N ARG A 378 5.21 2.66 -2.25
CA ARG A 378 6.26 3.45 -2.89
C ARG A 378 7.20 2.57 -3.72
N VAL A 379 7.61 1.41 -3.18
CA VAL A 379 8.57 0.59 -3.92
C VAL A 379 7.92 -0.02 -5.14
N ARG A 380 6.60 -0.26 -5.07
CA ARG A 380 5.88 -0.68 -6.27
C ARG A 380 5.85 0.45 -7.30
N GLN A 381 5.71 1.69 -6.85
CA GLN A 381 5.64 2.80 -7.78
C GLN A 381 6.96 3.00 -8.51
N ILE A 382 8.09 2.88 -7.82
CA ILE A 382 9.36 3.23 -8.43
C ILE A 382 10.18 2.04 -8.89
N GLY A 383 9.87 0.82 -8.42
CA GLY A 383 10.65 -0.34 -8.78
C GLY A 383 9.89 -1.48 -9.43
N GLY A 384 8.57 -1.32 -9.60
CA GLY A 384 7.77 -2.36 -10.21
C GLY A 384 7.24 -3.36 -9.20
N ASP A 385 6.44 -4.30 -9.71
CA ASP A 385 5.66 -5.20 -8.86
C ASP A 385 6.49 -6.31 -8.24
N GLU A 386 7.80 -6.37 -8.47
CA GLU A 386 8.63 -7.38 -7.84
C GLU A 386 9.61 -6.79 -6.85
N SER A 387 9.41 -5.53 -6.46
CA SER A 387 10.26 -4.89 -5.47
C SER A 387 10.00 -5.48 -4.09
N LYS A 388 10.96 -5.24 -3.19
CA LYS A 388 10.86 -5.66 -1.80
C LYS A 388 10.83 -4.43 -0.90
N ALA A 389 10.00 -4.48 0.13
CA ALA A 389 9.83 -3.40 1.09
C ALA A 389 10.21 -3.92 2.47
N ILE A 390 11.04 -3.17 3.17
CA ILE A 390 11.44 -3.50 4.53
C ILE A 390 11.04 -2.36 5.44
N LEU A 391 10.30 -2.67 6.49
CA LEU A 391 9.96 -1.70 7.52
C LEU A 391 10.70 -2.09 8.79
N ILE A 392 11.44 -1.14 9.36
CA ILE A 392 12.19 -1.35 10.59
C ILE A 392 11.59 -0.48 11.68
N THR A 393 11.12 -1.12 12.75
CA THR A 393 10.35 -0.48 13.81
C THR A 393 11.02 -0.67 15.16
N GLY A 394 10.46 -0.02 16.18
CA GLY A 394 10.88 -0.24 17.54
C GLY A 394 9.90 -1.12 18.30
N MET A 395 9.14 -1.94 17.59
CA MET A 395 8.19 -2.85 18.19
C MET A 395 8.87 -4.16 18.57
N ASP A 396 8.24 -4.89 19.49
CA ASP A 396 8.74 -6.20 19.89
C ASP A 396 8.45 -7.24 18.80
N LYS A 397 9.06 -8.42 18.96
CA LYS A 397 9.00 -9.42 17.89
C LYS A 397 7.57 -9.90 17.63
N SER A 398 6.75 -10.01 18.67
CA SER A 398 5.36 -10.40 18.44
C SER A 398 4.63 -9.37 17.57
N LYS A 399 4.85 -8.07 17.85
CA LYS A 399 4.19 -7.04 17.07
C LYS A 399 4.71 -7.02 15.62
N THR A 400 6.00 -7.29 15.41
CA THR A 400 6.54 -7.23 14.05
C THR A 400 6.08 -8.41 13.21
N GLU A 401 6.03 -9.61 13.81
CA GLU A 401 5.50 -10.77 13.09
C GLU A 401 4.02 -10.60 12.78
N ASP A 402 3.28 -9.98 13.70
CA ASP A 402 1.87 -9.68 13.44
C ASP A 402 1.71 -8.75 12.25
N LEU A 403 2.53 -7.71 12.17
CA LEU A 403 2.43 -6.73 11.09
C LEU A 403 2.75 -7.32 9.72
N GLN A 404 3.75 -8.19 9.65
CA GLN A 404 4.09 -8.84 8.40
C GLN A 404 2.92 -9.64 7.89
N LYS A 405 2.28 -10.38 8.79
CA LYS A 405 1.15 -11.22 8.40
C LYS A 405 -0.06 -10.38 8.07
N ASP A 406 -0.25 -9.30 8.82
CA ASP A 406 -1.38 -8.41 8.54
C ASP A 406 -1.34 -7.89 7.11
N LEU A 407 -0.17 -7.44 6.66
CA LEU A 407 -0.04 -6.71 5.40
C LEU A 407 0.43 -7.57 4.23
N ALA A 408 0.79 -8.83 4.48
CA ALA A 408 1.24 -9.70 3.40
C ALA A 408 0.18 -9.76 2.31
N TYR A 409 0.65 -9.69 1.06
CA TYR A 409 -0.18 -9.90 -0.11
C TYR A 409 0.43 -11.03 -0.92
N GLU A 410 -0.42 -11.90 -1.46
CA GLU A 410 0.03 -13.11 -2.12
C GLU A 410 0.24 -12.84 -3.61
N THR A 411 1.48 -13.02 -4.08
CA THR A 411 1.79 -12.83 -5.49
C THR A 411 2.27 -14.10 -6.18
N GLY A 412 2.53 -15.17 -5.43
CA GLY A 412 2.99 -16.41 -6.01
C GLY A 412 4.38 -16.80 -5.59
N SER A 413 5.03 -16.01 -4.73
CA SER A 413 6.33 -16.33 -4.21
C SER A 413 6.21 -16.87 -2.79
N THR A 414 7.18 -17.70 -2.40
CA THR A 414 7.31 -18.12 -1.01
C THR A 414 8.12 -17.14 -0.19
N GLN A 415 9.05 -16.43 -0.83
CA GLN A 415 9.83 -15.43 -0.13
C GLN A 415 8.98 -14.17 0.07
N LYS A 416 9.11 -13.56 1.24
CA LYS A 416 8.30 -12.38 1.55
C LYS A 416 8.81 -11.16 0.78
N ARG A 417 7.86 -10.35 0.33
CA ARG A 417 8.17 -9.07 -0.31
C ARG A 417 7.82 -7.89 0.61
N PHE A 418 7.42 -8.16 1.85
CA PHE A 418 7.28 -7.13 2.87
C PHE A 418 7.80 -7.69 4.18
N VAL A 419 8.86 -7.08 4.71
CA VAL A 419 9.57 -7.59 5.88
C VAL A 419 9.56 -6.51 6.96
N VAL A 420 9.23 -6.92 8.19
CA VAL A 420 9.25 -6.01 9.33
C VAL A 420 10.33 -6.47 10.29
N PHE A 421 11.24 -5.56 10.63
CA PHE A 421 12.20 -5.78 11.71
C PHE A 421 11.79 -4.94 12.91
N GLY A 422 12.17 -5.42 14.11
CA GLY A 422 11.81 -4.73 15.34
C GLY A 422 12.97 -4.41 16.26
N ILE A 423 12.66 -4.08 17.51
CA ILE A 423 13.66 -3.56 18.44
C ILE A 423 14.71 -4.61 18.77
N ASP A 424 14.37 -5.89 18.73
CA ASP A 424 15.33 -6.95 18.99
C ASP A 424 16.31 -7.17 17.84
N ASP A 425 16.10 -6.52 16.70
CA ASP A 425 16.98 -6.65 15.56
C ASP A 425 17.97 -5.51 15.42
N TRP A 426 17.87 -4.48 16.28
CA TRP A 426 18.69 -3.28 16.09
C TRP A 426 20.18 -3.58 16.29
N ALA A 427 20.52 -4.34 17.34
CA ALA A 427 21.93 -4.55 17.66
C ALA A 427 22.68 -5.23 16.53
N ASP A 428 22.02 -6.10 15.76
CA ASP A 428 22.66 -6.80 14.65
C ASP A 428 21.94 -6.53 13.33
N ILE A 429 21.41 -5.31 13.17
CA ILE A 429 20.56 -4.98 12.02
C ILE A 429 21.34 -5.05 10.72
N GLY A 430 22.66 -4.92 10.77
CA GLY A 430 23.45 -5.05 9.57
C GLY A 430 23.34 -6.44 8.99
N SER A 431 23.70 -7.45 9.79
CA SER A 431 23.69 -8.82 9.30
C SER A 431 22.29 -9.29 8.95
N LYS A 432 21.27 -8.82 9.69
CA LYS A 432 19.90 -9.23 9.39
C LYS A 432 19.43 -8.64 8.05
N ILE A 433 19.76 -7.38 7.77
CA ILE A 433 19.49 -6.84 6.44
C ILE A 433 20.24 -7.62 5.37
N CYS A 434 21.52 -7.93 5.63
CA CYS A 434 22.34 -8.65 4.65
C CYS A 434 21.73 -10.02 4.33
N GLU A 435 21.36 -10.77 5.36
CA GLU A 435 20.78 -12.10 5.14
C GLU A 435 19.44 -12.01 4.43
N GLU A 436 18.60 -11.05 4.81
CA GLU A 436 17.27 -10.95 4.22
C GLU A 436 17.33 -10.63 2.72
N VAL A 437 18.27 -9.77 2.33
CA VAL A 437 18.28 -9.21 0.98
C VAL A 437 19.06 -10.11 0.01
N PHE A 438 20.22 -10.60 0.41
CA PHE A 438 21.11 -11.28 -0.54
C PHE A 438 21.06 -12.80 -0.45
N LYS A 439 20.88 -13.37 0.74
CA LYS A 439 20.84 -14.81 0.89
C LYS A 439 19.58 -15.42 0.27
N GLU B 5 -18.79 -35.36 -23.44
CA GLU B 5 -18.27 -34.50 -22.37
C GLU B 5 -17.64 -33.23 -22.92
N LYS B 6 -18.04 -32.09 -22.37
CA LYS B 6 -17.49 -30.79 -22.72
C LYS B 6 -16.75 -30.25 -21.50
N VAL B 7 -15.44 -30.05 -21.64
CA VAL B 7 -14.57 -29.71 -20.52
C VAL B 7 -14.14 -28.25 -20.61
N LEU B 8 -14.14 -27.58 -19.46
CA LEU B 8 -13.68 -26.20 -19.32
C LEU B 8 -12.41 -26.20 -18.48
N VAL B 9 -11.38 -25.53 -18.97
CA VAL B 9 -10.06 -25.52 -18.35
C VAL B 9 -9.77 -24.09 -17.88
N LEU B 10 -9.45 -23.98 -16.59
CA LEU B 10 -9.13 -22.69 -16.01
C LEU B 10 -7.71 -22.70 -15.47
N ILE B 11 -7.06 -21.54 -15.48
CA ILE B 11 -5.67 -21.42 -15.05
C ILE B 11 -5.67 -20.65 -13.74
N VAL B 12 -5.30 -21.33 -12.65
CA VAL B 12 -5.47 -20.81 -11.30
C VAL B 12 -4.22 -20.03 -10.93
N GLY B 13 -4.28 -18.70 -11.07
CA GLY B 13 -3.28 -17.80 -10.55
C GLY B 13 -3.65 -17.31 -9.16
N THR B 14 -3.03 -16.21 -8.76
CA THR B 14 -3.25 -15.65 -7.43
C THR B 14 -4.40 -14.64 -7.38
N ASN B 15 -5.07 -14.37 -8.49
CA ASN B 15 -6.28 -13.56 -8.51
C ASN B 15 -7.47 -14.46 -8.80
N PRO B 16 -8.19 -14.95 -7.79
CA PRO B 16 -9.26 -15.92 -8.04
C PRO B 16 -10.54 -15.33 -8.62
N LEU B 17 -10.70 -14.00 -8.62
CA LEU B 17 -11.96 -13.41 -9.05
C LEU B 17 -12.26 -13.63 -10.53
N PRO B 18 -11.34 -13.38 -11.47
CA PRO B 18 -11.65 -13.67 -12.87
C PRO B 18 -12.03 -15.12 -13.13
N ASN B 19 -11.50 -16.06 -12.34
CA ASN B 19 -11.89 -17.45 -12.51
C ASN B 19 -13.28 -17.71 -11.95
N TYR B 20 -13.63 -17.05 -10.84
CA TYR B 20 -15.00 -17.14 -10.35
C TYR B 20 -15.99 -16.56 -11.36
N VAL B 21 -15.66 -15.43 -11.96
CA VAL B 21 -16.57 -14.77 -12.89
C VAL B 21 -16.73 -15.62 -14.15
N VAL B 22 -15.60 -16.03 -14.75
CA VAL B 22 -15.67 -16.89 -15.93
C VAL B 22 -16.35 -18.21 -15.57
N GLY B 23 -16.05 -18.75 -14.38
CA GLY B 23 -16.68 -19.99 -13.98
C GLY B 23 -18.17 -19.86 -13.75
N SER B 24 -18.61 -18.75 -13.15
CA SER B 24 -20.04 -18.57 -12.92
C SER B 24 -20.81 -18.51 -14.23
N HIS B 25 -20.22 -17.91 -15.26
CA HIS B 25 -20.96 -17.68 -16.49
C HIS B 25 -20.96 -18.89 -17.40
N LEU B 26 -19.87 -19.68 -17.41
CA LEU B 26 -19.70 -20.78 -18.34
C LEU B 26 -19.90 -22.16 -17.71
N LYS B 27 -20.17 -22.22 -16.42
CA LYS B 27 -20.43 -23.51 -15.77
C LYS B 27 -21.61 -24.22 -16.40
N GLU B 28 -22.64 -23.45 -16.81
CA GLU B 28 -23.89 -24.02 -17.26
C GLU B 28 -23.73 -24.85 -18.54
N LYS B 29 -22.82 -24.45 -19.41
CA LYS B 29 -22.71 -25.02 -20.75
C LYS B 29 -21.67 -26.13 -20.85
N TYR B 30 -21.09 -26.56 -19.74
CA TYR B 30 -20.00 -27.53 -19.78
C TYR B 30 -20.22 -28.62 -18.75
N ASP B 31 -19.53 -29.74 -18.95
CA ASP B 31 -19.70 -30.97 -18.17
C ASP B 31 -18.59 -31.19 -17.15
N LYS B 32 -17.33 -31.15 -17.57
CA LYS B 32 -16.20 -31.33 -16.68
C LYS B 32 -15.38 -30.05 -16.58
N PHE B 33 -14.53 -29.99 -15.56
CA PHE B 33 -13.76 -28.80 -15.23
C PHE B 33 -12.37 -29.22 -14.76
N VAL B 34 -11.34 -28.62 -15.36
CA VAL B 34 -9.95 -28.88 -15.00
C VAL B 34 -9.35 -27.57 -14.48
N LEU B 35 -8.87 -27.60 -13.25
CA LEU B 35 -8.26 -26.44 -12.60
C LEU B 35 -6.76 -26.69 -12.48
N ILE B 36 -5.98 -26.01 -13.30
CA ILE B 36 -4.53 -26.18 -13.31
C ILE B 36 -3.91 -25.21 -12.32
N TYR B 37 -3.28 -25.74 -11.27
CA TYR B 37 -2.72 -24.94 -10.20
C TYR B 37 -1.26 -25.27 -10.01
N SER B 38 -0.58 -24.46 -9.20
CA SER B 38 0.85 -24.60 -8.96
C SER B 38 1.12 -25.35 -7.67
N GLU B 39 2.14 -26.21 -7.70
CA GLU B 39 2.65 -26.83 -6.48
C GLU B 39 3.51 -25.84 -5.71
N LYS B 40 3.83 -26.20 -4.48
CA LYS B 40 4.66 -25.37 -3.61
C LYS B 40 6.08 -25.90 -3.60
N ASN B 41 7.03 -25.10 -4.09
CA ASN B 41 8.45 -25.45 -4.07
C ASN B 41 9.20 -24.21 -3.56
N ASP B 42 9.46 -24.19 -2.25
CA ASP B 42 10.16 -23.07 -1.64
C ASP B 42 11.54 -22.86 -2.25
N LYS B 43 12.13 -23.91 -2.81
CA LYS B 43 13.50 -23.82 -3.33
C LYS B 43 13.60 -23.03 -4.62
N ILE B 44 12.49 -22.85 -5.34
CA ILE B 44 12.46 -21.95 -6.49
C ILE B 44 11.54 -20.76 -6.25
N ASN B 45 11.23 -20.48 -4.98
CA ASN B 45 10.44 -19.30 -4.60
C ASN B 45 9.04 -19.35 -5.20
N GLN B 46 8.53 -20.56 -5.42
CA GLN B 46 7.22 -20.78 -6.04
C GLN B 46 6.23 -21.27 -4.98
N ASN B 47 5.17 -20.50 -4.75
CA ASN B 47 4.11 -20.89 -3.84
C ASN B 47 2.98 -21.56 -4.62
N SER B 48 2.04 -22.15 -3.88
CA SER B 48 0.95 -22.91 -4.48
C SER B 48 -0.34 -22.08 -4.51
N THR B 49 -1.04 -22.15 -5.64
CA THR B 49 -2.37 -21.57 -5.75
C THR B 49 -3.47 -22.58 -5.44
N TYR B 50 -3.12 -23.70 -4.80
CA TYR B 50 -4.10 -24.74 -4.52
C TYR B 50 -5.26 -24.22 -3.67
N ASP B 51 -4.95 -23.40 -2.67
CA ASP B 51 -6.01 -22.85 -1.82
C ASP B 51 -7.04 -22.07 -2.63
N TYR B 52 -6.62 -21.39 -3.70
CA TYR B 52 -7.56 -20.64 -4.51
C TYR B 52 -8.41 -21.57 -5.38
N ALA B 53 -7.81 -22.64 -5.90
CA ALA B 53 -8.56 -23.58 -6.72
C ALA B 53 -9.63 -24.30 -5.89
N LYS B 54 -9.30 -24.66 -4.65
CA LYS B 54 -10.29 -25.26 -3.76
C LYS B 54 -11.47 -24.32 -3.57
N LYS B 55 -11.19 -23.04 -3.29
CA LYS B 55 -12.25 -22.05 -3.15
C LYS B 55 -13.08 -21.93 -4.41
N LEU B 56 -12.42 -22.02 -5.57
CA LEU B 56 -13.15 -22.00 -6.84
C LEU B 56 -14.09 -23.20 -6.94
N LYS B 57 -13.59 -24.39 -6.60
CA LYS B 57 -14.45 -25.58 -6.63
C LYS B 57 -15.58 -25.48 -5.63
N GLU B 58 -15.31 -24.91 -4.46
CA GLU B 58 -16.34 -24.82 -3.43
C GLU B 58 -17.41 -23.80 -3.83
N HIS B 59 -17.02 -22.55 -4.07
CA HIS B 59 -18.01 -21.50 -4.31
C HIS B 59 -18.62 -21.56 -5.70
N LEU B 60 -18.12 -22.40 -6.60
CA LEU B 60 -18.80 -22.69 -7.85
C LEU B 60 -19.52 -24.02 -7.83
N ASN B 61 -19.47 -24.74 -6.71
CA ASN B 61 -20.15 -26.03 -6.55
C ASN B 61 -19.77 -27.00 -7.67
N LEU B 62 -18.46 -27.13 -7.89
CA LEU B 62 -17.98 -28.05 -8.91
C LEU B 62 -18.13 -29.49 -8.50
N ASN B 63 -18.23 -29.77 -7.20
CA ASN B 63 -18.47 -31.11 -6.66
C ASN B 63 -17.38 -32.04 -7.16
N ASP B 64 -17.71 -33.21 -7.72
CA ASP B 64 -16.70 -34.18 -8.16
C ASP B 64 -16.43 -34.10 -9.66
N LYS B 65 -17.06 -33.17 -10.37
CA LYS B 65 -16.76 -32.92 -11.77
C LYS B 65 -15.53 -32.04 -11.96
N CYS B 66 -14.77 -31.81 -10.89
CA CYS B 66 -13.61 -30.93 -10.92
C CYS B 66 -12.34 -31.76 -10.76
N ILE B 67 -11.34 -31.48 -11.60
CA ILE B 67 -10.07 -32.18 -11.58
C ILE B 67 -8.96 -31.16 -11.34
N PHE B 68 -8.20 -31.35 -10.27
CA PHE B 68 -7.06 -30.50 -9.94
C PHE B 68 -5.82 -31.03 -10.63
N LEU B 69 -5.20 -30.21 -11.48
CA LEU B 69 -3.96 -30.57 -12.14
C LEU B 69 -2.82 -29.74 -11.58
N PRO B 70 -1.86 -30.32 -10.88
CA PRO B 70 -0.73 -29.54 -10.36
C PRO B 70 0.40 -29.46 -11.38
N LEU B 71 1.17 -28.37 -11.27
CA LEU B 71 2.37 -28.17 -12.07
C LEU B 71 3.55 -27.91 -11.14
N SER B 72 4.64 -28.64 -11.35
CA SER B 72 5.79 -28.51 -10.45
C SER B 72 6.53 -27.20 -10.66
N ASP B 73 6.48 -26.63 -11.86
CA ASP B 73 7.22 -25.41 -12.17
C ASP B 73 6.40 -24.58 -13.17
N VAL B 74 5.72 -23.54 -12.67
CA VAL B 74 4.94 -22.66 -13.53
C VAL B 74 5.80 -21.66 -14.29
N SER B 75 7.12 -21.70 -14.13
CA SER B 75 8.01 -20.81 -14.87
C SER B 75 8.75 -21.51 -16.00
N ASN B 76 8.70 -22.83 -16.08
CA ASN B 76 9.50 -23.60 -17.02
C ASN B 76 8.59 -24.29 -18.02
N SER B 77 8.87 -24.06 -19.31
CA SER B 77 8.00 -24.55 -20.37
C SER B 77 7.98 -26.08 -20.44
N GLU B 78 9.15 -26.71 -20.46
CA GLU B 78 9.21 -28.16 -20.66
C GLU B 78 8.58 -28.88 -19.47
N LYS B 79 8.88 -28.44 -18.25
CA LYS B 79 8.31 -29.08 -17.07
C LYS B 79 6.79 -28.95 -17.04
N ILE B 80 6.26 -27.87 -17.64
CA ILE B 80 4.81 -27.71 -17.74
C ILE B 80 4.23 -28.74 -18.70
N ILE B 81 4.76 -28.79 -19.92
CA ILE B 81 4.23 -29.70 -20.95
C ILE B 81 4.30 -31.16 -20.47
N ASN B 82 5.36 -31.51 -19.74
CA ASN B 82 5.47 -32.86 -19.20
C ASN B 82 4.34 -33.14 -18.22
N ASP B 83 4.22 -32.31 -17.19
CA ASP B 83 3.12 -32.46 -16.23
C ASP B 83 1.76 -32.37 -16.92
N LEU B 84 1.67 -31.68 -18.05
CA LEU B 84 0.41 -31.65 -18.79
C LEU B 84 0.16 -32.95 -19.54
N ARG B 85 1.21 -33.54 -20.11
CA ARG B 85 1.04 -34.79 -20.84
C ARG B 85 0.68 -35.93 -19.91
N GLU B 86 1.35 -36.01 -18.75
CA GLU B 86 1.17 -37.10 -17.82
C GLU B 86 -0.08 -36.96 -16.96
N LYS B 87 -0.73 -35.80 -16.93
CA LYS B 87 -1.80 -35.58 -15.96
C LYS B 87 -3.12 -35.14 -16.59
N PHE B 88 -3.07 -34.43 -17.73
CA PHE B 88 -4.30 -33.89 -18.27
C PHE B 88 -5.22 -35.02 -18.75
N PRO B 89 -6.53 -34.91 -18.49
CA PRO B 89 -7.47 -35.97 -18.89
C PRO B 89 -7.40 -36.32 -20.37
N SER B 90 -7.00 -37.55 -20.66
CA SER B 90 -6.94 -38.07 -22.02
C SER B 90 -8.29 -38.62 -22.50
N GLU B 91 -9.36 -38.40 -21.74
CA GLU B 91 -10.68 -38.83 -22.16
C GLU B 91 -11.14 -38.03 -23.37
N ASP B 92 -12.06 -38.63 -24.12
CA ASP B 92 -12.56 -38.01 -25.35
C ASP B 92 -13.57 -36.92 -24.99
N PHE B 93 -13.23 -35.66 -25.29
CA PHE B 93 -14.11 -34.53 -25.08
C PHE B 93 -14.53 -33.97 -26.44
N VAL B 94 -15.85 -33.81 -26.62
CA VAL B 94 -16.36 -33.27 -27.87
C VAL B 94 -16.01 -31.79 -27.99
N GLU B 95 -15.95 -31.08 -26.86
CA GLU B 95 -15.65 -29.65 -26.85
C GLU B 95 -14.67 -29.35 -25.74
N VAL B 96 -13.66 -28.54 -26.03
CA VAL B 96 -12.67 -28.11 -25.05
C VAL B 96 -12.61 -26.59 -25.07
N HIS B 97 -12.79 -25.97 -23.91
CA HIS B 97 -12.79 -24.52 -23.78
C HIS B 97 -11.76 -24.15 -22.71
N LEU B 98 -10.70 -23.47 -23.12
CA LEU B 98 -9.67 -22.99 -22.22
C LEU B 98 -9.83 -21.50 -22.02
N ASN B 99 -10.01 -21.08 -20.77
CA ASN B 99 -9.95 -19.67 -20.41
C ASN B 99 -8.53 -19.41 -19.87
N TYR B 100 -7.77 -18.60 -20.58
CA TYR B 100 -6.37 -18.39 -20.28
C TYR B 100 -6.12 -17.07 -19.54
N THR B 101 -7.10 -16.61 -18.78
CA THR B 101 -6.98 -15.30 -18.14
C THR B 101 -6.00 -15.33 -16.97
N GLY B 102 -6.00 -16.41 -16.18
CA GLY B 102 -5.17 -16.49 -15.01
C GLY B 102 -3.78 -17.08 -15.28
N GLY B 103 -2.94 -17.02 -14.25
CA GLY B 103 -1.65 -17.70 -14.26
C GLY B 103 -0.53 -16.91 -14.90
N THR B 104 0.61 -17.58 -15.03
CA THR B 104 1.78 -16.97 -15.64
C THR B 104 1.64 -16.98 -17.16
N LYS B 105 2.55 -16.27 -17.82
CA LYS B 105 2.53 -16.20 -19.27
C LYS B 105 2.95 -17.51 -19.91
N THR B 106 3.86 -18.23 -19.26
CA THR B 106 4.24 -19.54 -19.76
C THR B 106 3.04 -20.46 -19.67
N MET B 107 2.34 -20.43 -18.53
CA MET B 107 1.18 -21.27 -18.36
C MET B 107 0.18 -21.07 -19.50
N VAL B 108 -0.14 -19.81 -19.82
CA VAL B 108 -1.18 -19.59 -20.82
C VAL B 108 -0.72 -19.96 -22.22
N VAL B 109 0.58 -19.85 -22.51
CA VAL B 109 1.06 -20.19 -23.85
C VAL B 109 1.08 -21.69 -24.06
N HIS B 110 1.72 -22.42 -23.15
CA HIS B 110 1.94 -23.85 -23.38
C HIS B 110 0.70 -24.69 -23.06
N ILE B 111 -0.17 -24.23 -22.16
CA ILE B 111 -1.44 -24.92 -21.98
C ILE B 111 -2.32 -24.72 -23.20
N TYR B 112 -2.33 -23.51 -23.76
CA TYR B 112 -3.05 -23.25 -24.99
C TYR B 112 -2.55 -24.16 -26.11
N ASN B 113 -1.23 -24.25 -26.29
CA ASN B 113 -0.68 -25.04 -27.37
C ASN B 113 -0.87 -26.53 -27.13
N PHE B 114 -0.76 -26.98 -25.87
CA PHE B 114 -1.03 -28.37 -25.56
C PHE B 114 -2.45 -28.75 -25.96
N LEU B 115 -3.44 -27.95 -25.54
CA LEU B 115 -4.83 -28.28 -25.81
C LEU B 115 -5.18 -28.14 -27.29
N LYS B 116 -4.47 -27.26 -28.01
CA LYS B 116 -4.75 -27.11 -29.43
C LYS B 116 -4.32 -28.36 -30.21
N GLU B 117 -3.30 -29.07 -29.73
CA GLU B 117 -2.91 -30.32 -30.37
C GLU B 117 -4.01 -31.37 -30.24
N LYS B 118 -4.67 -31.41 -29.08
CA LYS B 118 -5.77 -32.34 -28.86
C LYS B 118 -7.05 -31.88 -29.57
N PHE B 126 -11.64 -26.70 -30.31
CA PHE B 126 -10.91 -26.02 -29.25
C PHE B 126 -11.11 -24.51 -29.33
N GLU B 127 -11.51 -23.92 -28.21
CA GLU B 127 -11.79 -22.49 -28.12
C GLU B 127 -11.02 -21.88 -26.95
N GLY B 128 -10.56 -20.66 -27.15
CA GLY B 128 -9.89 -19.90 -26.10
C GLY B 128 -10.68 -18.66 -25.76
N SER B 129 -10.69 -18.32 -24.47
CA SER B 129 -11.39 -17.13 -24.01
C SER B 129 -10.56 -16.39 -22.99
N TYR B 130 -10.95 -15.16 -22.72
CA TYR B 130 -10.20 -14.24 -21.87
C TYR B 130 -11.17 -13.21 -21.33
N LEU B 131 -11.05 -12.91 -20.05
CA LEU B 131 -11.89 -11.91 -19.39
C LEU B 131 -11.12 -10.60 -19.31
N ASP B 132 -11.55 -9.62 -20.10
CA ASP B 132 -10.91 -8.31 -20.11
C ASP B 132 -11.26 -7.55 -18.83
N ALA B 133 -10.24 -7.26 -18.01
CA ALA B 133 -10.48 -6.53 -16.77
C ALA B 133 -10.84 -5.07 -17.00
N ARG B 134 -10.57 -4.55 -18.20
CA ARG B 134 -10.75 -3.13 -18.47
C ARG B 134 -12.16 -2.80 -18.93
N ASP B 135 -12.77 -3.66 -19.76
CA ASP B 135 -14.10 -3.39 -20.29
C ASP B 135 -15.14 -4.39 -19.80
N TYR B 136 -14.76 -5.28 -18.87
CA TYR B 136 -15.67 -6.24 -18.27
C TYR B 136 -16.38 -7.10 -19.32
N LYS B 137 -15.59 -7.71 -20.20
CA LYS B 137 -16.14 -8.56 -21.24
C LYS B 137 -15.31 -9.83 -21.36
N LEU B 138 -15.99 -10.93 -21.64
CA LEU B 138 -15.32 -12.18 -22.01
C LEU B 138 -15.19 -12.23 -23.52
N VAL B 139 -13.98 -12.48 -24.00
CA VAL B 139 -13.65 -12.38 -25.41
C VAL B 139 -13.22 -13.75 -25.91
N TYR B 140 -13.75 -14.16 -27.07
CA TYR B 140 -13.47 -15.46 -27.64
C TYR B 140 -12.44 -15.34 -28.75
N ASP B 141 -11.52 -16.29 -28.80
CA ASP B 141 -10.49 -16.32 -29.83
C ASP B 141 -11.12 -16.61 -31.20
N ALA B 146 -18.00 -10.89 -28.13
CA ALA B 146 -17.63 -10.35 -26.81
C ALA B 146 -18.87 -10.06 -25.98
N ILE B 147 -19.04 -10.81 -24.89
CA ILE B 147 -20.20 -10.69 -24.02
C ILE B 147 -19.79 -9.87 -22.80
N SER B 148 -20.57 -8.83 -22.51
CA SER B 148 -20.33 -8.03 -21.32
C SER B 148 -20.89 -8.75 -20.10
N LEU B 149 -20.05 -8.92 -19.07
CA LEU B 149 -20.46 -9.56 -17.83
C LEU B 149 -20.56 -8.59 -16.66
N LYS B 150 -20.33 -7.29 -16.90
CA LYS B 150 -20.26 -6.32 -15.81
C LYS B 150 -21.54 -6.32 -14.98
N ASP B 151 -22.69 -6.32 -15.66
CA ASP B 151 -23.99 -6.31 -15.00
C ASP B 151 -24.68 -7.66 -15.05
N THR B 152 -23.97 -8.72 -15.46
CA THR B 152 -24.55 -10.05 -15.57
C THR B 152 -24.13 -10.97 -14.43
N ILE B 153 -22.86 -10.98 -14.05
CA ILE B 153 -22.36 -11.85 -12.99
C ILE B 153 -22.30 -11.04 -11.70
N LYS B 154 -22.77 -11.64 -10.61
CA LYS B 154 -22.86 -10.97 -9.33
C LYS B 154 -22.11 -11.76 -8.27
N ILE B 155 -21.81 -11.08 -7.16
CA ILE B 155 -21.09 -11.69 -6.06
C ILE B 155 -21.44 -10.91 -4.80
N ASP B 156 -21.38 -11.59 -3.65
CA ASP B 156 -21.64 -10.98 -2.36
C ASP B 156 -20.32 -10.81 -1.61
N ILE B 157 -20.40 -10.11 -0.47
CA ILE B 157 -19.19 -9.81 0.29
C ILE B 157 -18.60 -11.09 0.89
N ASN B 158 -19.45 -12.06 1.24
CA ASN B 158 -18.96 -13.29 1.84
C ASN B 158 -18.23 -14.16 0.82
N THR B 159 -18.80 -14.30 -0.38
CA THR B 159 -18.12 -15.07 -1.42
C THR B 159 -16.82 -14.40 -1.83
N LEU B 160 -16.82 -13.07 -1.97
CA LEU B 160 -15.65 -12.37 -2.48
C LEU B 160 -14.46 -12.48 -1.53
N LEU B 161 -14.69 -12.20 -0.25
CA LEU B 161 -13.60 -12.34 0.72
C LEU B 161 -13.17 -13.79 0.88
N SER B 162 -14.12 -14.73 0.78
CA SER B 162 -13.79 -16.13 1.02
C SER B 162 -12.88 -16.70 -0.07
N ILE B 163 -13.14 -16.35 -1.34
CA ILE B 163 -12.26 -16.83 -2.41
C ILE B 163 -10.89 -16.19 -2.32
N HIS B 164 -10.77 -15.04 -1.66
CA HIS B 164 -9.48 -14.45 -1.33
C HIS B 164 -8.98 -14.90 0.04
N LEU B 165 -9.55 -15.97 0.59
CA LEU B 165 -9.07 -16.67 1.78
C LEU B 165 -9.34 -15.92 3.07
N TYR B 166 -10.28 -14.97 3.07
CA TYR B 166 -10.64 -14.29 4.31
C TYR B 166 -11.84 -14.96 4.96
N GLU B 167 -11.87 -14.92 6.28
CA GLU B 167 -12.88 -15.60 7.07
C GLU B 167 -13.25 -14.69 8.25
N ASP B 168 -14.21 -15.17 9.05
CA ASP B 168 -14.73 -14.41 10.20
C ASP B 168 -15.22 -13.03 9.76
N ILE B 169 -15.85 -12.99 8.59
CA ILE B 169 -16.40 -11.75 8.06
C ILE B 169 -17.58 -11.32 8.91
N HIS B 170 -17.49 -10.13 9.50
CA HIS B 170 -18.65 -9.51 10.13
C HIS B 170 -18.68 -8.02 9.78
N PHE B 171 -19.86 -7.43 9.92
CA PHE B 171 -20.14 -6.06 9.52
C PHE B 171 -21.46 -5.65 10.17
N GLU B 172 -21.79 -4.36 10.08
CA GLU B 172 -23.03 -3.84 10.63
C GLU B 172 -23.97 -3.40 9.51
N PHE B 173 -25.26 -3.38 9.83
CA PHE B 173 -26.30 -2.87 8.95
C PHE B 173 -26.70 -1.47 9.41
N TYR B 174 -27.45 -0.79 8.53
CA TYR B 174 -28.04 0.50 8.90
C TYR B 174 -28.78 0.41 10.23
N ASP B 175 -29.44 -0.71 10.49
CA ASP B 175 -30.25 -0.87 11.70
C ASP B 175 -29.48 -1.47 12.88
N THR B 176 -28.29 -2.03 12.66
CA THR B 176 -27.48 -2.55 13.76
C THR B 176 -26.26 -1.68 14.04
N TYR B 177 -26.27 -0.43 13.56
CA TYR B 177 -25.15 0.47 13.77
C TYR B 177 -24.84 0.61 15.25
N SER B 178 -23.54 0.59 15.59
CA SER B 178 -23.14 0.51 16.98
C SER B 178 -23.60 1.72 17.78
N TYR B 179 -23.43 2.92 17.23
CA TYR B 179 -23.77 4.14 17.96
C TYR B 179 -25.27 4.36 18.09
N LYS B 180 -26.10 3.63 17.34
CA LYS B 180 -27.53 3.67 17.60
C LYS B 180 -27.87 3.04 18.94
N GLN B 181 -27.04 2.11 19.42
CA GLN B 181 -27.26 1.49 20.72
C GLN B 181 -26.61 2.26 21.86
N LYS B 182 -25.67 3.16 21.56
CA LYS B 182 -25.03 3.95 22.60
C LYS B 182 -25.79 5.23 22.91
N PHE B 183 -26.45 5.82 21.94
CA PHE B 183 -27.29 7.00 22.14
C PHE B 183 -28.74 6.70 21.75
N VAL B 184 -29.24 5.54 22.19
CA VAL B 184 -30.61 5.16 21.88
C VAL B 184 -31.56 6.23 22.41
N ASP B 185 -32.63 6.48 21.64
CA ASP B 185 -33.61 7.54 21.81
C ASP B 185 -33.03 8.92 21.57
N SER B 186 -31.79 9.02 21.08
CA SER B 186 -31.19 10.30 20.74
C SER B 186 -30.35 10.27 19.48
N PHE B 187 -30.11 9.09 18.88
CA PHE B 187 -29.22 9.02 17.73
C PHE B 187 -29.84 9.69 16.50
N ASP B 188 -31.14 9.50 16.30
CA ASP B 188 -31.77 10.09 15.12
C ASP B 188 -31.68 11.60 15.16
N LYS B 189 -31.97 12.21 16.31
CA LYS B 189 -31.84 13.66 16.41
C LYS B 189 -30.39 14.09 16.23
N ILE B 190 -29.45 13.41 16.88
CA ILE B 190 -28.03 13.72 16.72
C ILE B 190 -27.65 13.68 15.25
N SER B 191 -27.90 12.53 14.61
CA SER B 191 -27.51 12.37 13.21
C SER B 191 -28.23 13.37 12.31
N GLN B 192 -29.52 13.61 12.56
CA GLN B 192 -30.26 14.58 11.76
C GLN B 192 -29.66 15.98 11.91
N GLU B 193 -29.24 16.34 13.13
CA GLU B 193 -28.62 17.64 13.35
C GLU B 193 -27.33 17.77 12.55
N ILE B 194 -26.47 16.76 12.63
CA ILE B 194 -25.19 16.81 11.92
C ILE B 194 -25.42 16.87 10.42
N GLU B 195 -26.37 16.07 9.92
CA GLU B 195 -26.63 16.03 8.48
C GLU B 195 -27.08 17.39 7.95
N LYS B 196 -27.93 18.07 8.71
CA LYS B 196 -28.37 19.41 8.33
C LYS B 196 -27.19 20.35 8.16
N ALA B 197 -26.24 20.32 9.10
CA ALA B 197 -25.09 21.21 9.01
C ALA B 197 -24.27 20.93 7.75
N ILE B 198 -24.07 19.65 7.42
CA ILE B 198 -23.29 19.31 6.22
C ILE B 198 -24.08 19.63 4.97
N LYS B 199 -25.41 19.40 5.00
CA LYS B 199 -26.23 19.76 3.86
C LYS B 199 -26.28 21.27 3.65
N ASP B 200 -26.05 22.06 4.70
CA ASP B 200 -25.97 23.51 4.59
C ASP B 200 -24.53 24.00 4.41
N ASP B 201 -23.66 23.18 3.81
CA ASP B 201 -22.30 23.57 3.44
C ASP B 201 -21.48 24.06 4.63
N LYS B 202 -21.82 23.59 5.84
CA LYS B 202 -21.06 23.95 7.04
C LYS B 202 -20.06 22.87 7.43
N GLY B 203 -19.72 21.97 6.51
CA GLY B 203 -18.71 20.96 6.81
C GLY B 203 -17.37 21.56 7.17
N GLU B 204 -16.94 22.56 6.40
CA GLU B 204 -15.66 23.19 6.65
C GLU B 204 -15.62 23.84 8.03
N ASP B 205 -16.70 24.52 8.41
CA ASP B 205 -16.76 25.13 9.74
C ASP B 205 -16.69 24.08 10.83
N PHE B 206 -17.45 23.00 10.68
CA PHE B 206 -17.45 21.92 11.67
C PHE B 206 -16.05 21.33 11.82
N VAL B 207 -15.37 21.09 10.70
CA VAL B 207 -14.03 20.51 10.75
C VAL B 207 -13.08 21.42 11.51
N LYS B 208 -13.18 22.73 11.28
CA LYS B 208 -12.28 23.66 11.94
C LYS B 208 -12.53 23.71 13.44
N TRP B 209 -13.79 23.64 13.86
CA TRP B 209 -14.10 23.65 15.29
C TRP B 209 -13.65 22.36 15.97
N LEU B 210 -13.69 21.24 15.26
CA LEU B 210 -13.17 20.00 15.84
C LEU B 210 -11.66 20.09 16.04
N GLU B 211 -10.94 20.67 15.08
CA GLU B 211 -9.50 20.85 15.23
C GLU B 211 -9.18 21.87 16.31
N ASP B 212 -10.07 22.83 16.53
CA ASP B 212 -9.86 23.90 17.50
C ASP B 212 -11.21 24.47 17.92
N PRO B 213 -11.61 24.31 19.18
CA PRO B 213 -10.88 23.80 20.33
C PRO B 213 -11.23 22.38 20.77
N PHE B 214 -11.97 21.61 19.97
CA PHE B 214 -12.47 20.32 20.44
C PHE B 214 -11.33 19.35 20.72
N ARG B 215 -10.48 19.10 19.71
CA ARG B 215 -9.39 18.15 19.89
C ARG B 215 -8.28 18.70 20.79
N LYS B 216 -8.27 20.00 21.07
CA LYS B 216 -7.33 20.53 22.04
C LYS B 216 -7.77 20.28 23.48
N ILE B 217 -9.06 20.04 23.70
CA ILE B 217 -9.59 19.77 25.03
C ILE B 217 -9.77 18.27 25.27
N PHE B 218 -10.47 17.59 24.36
CA PHE B 218 -10.90 16.22 24.59
C PHE B 218 -9.97 15.17 24.02
N LYS B 219 -8.84 15.56 23.44
CA LYS B 219 -7.88 14.63 22.87
C LYS B 219 -6.47 14.97 23.33
N GLY B 220 -6.31 15.16 24.64
CA GLY B 220 -5.01 15.56 25.16
C GLY B 220 -3.99 14.44 25.12
N GLU B 221 -4.34 13.30 25.71
CA GLU B 221 -3.38 12.19 25.81
C GLU B 221 -4.15 10.88 25.85
N ASN B 222 -3.53 9.85 26.41
CA ASN B 222 -4.10 8.51 26.44
C ASN B 222 -4.96 8.31 27.68
N LYS B 223 -6.20 7.89 27.46
CA LYS B 223 -7.13 7.52 28.53
C LYS B 223 -7.43 8.69 29.46
N LEU B 224 -7.33 9.92 28.95
CA LEU B 224 -7.79 11.06 29.73
C LEU B 224 -9.30 11.05 29.90
N LEU B 225 -10.04 10.56 28.89
CA LEU B 225 -11.48 10.45 29.00
C LEU B 225 -11.92 9.31 29.90
N GLU B 226 -10.98 8.55 30.47
CA GLU B 226 -11.29 7.42 31.33
C GLU B 226 -10.92 7.65 32.79
N LYS B 227 -9.97 8.52 33.08
CA LYS B 227 -9.53 8.80 34.45
C LYS B 227 -9.83 10.24 34.78
N THR B 228 -10.67 10.46 35.81
CA THR B 228 -11.06 11.82 36.18
C THR B 228 -9.87 12.65 36.62
N ALA B 229 -8.89 12.02 37.28
CA ALA B 229 -7.68 12.73 37.67
C ALA B 229 -6.98 13.30 36.43
N LYS B 230 -6.75 12.45 35.42
CA LYS B 230 -6.09 12.90 34.20
C LYS B 230 -6.89 14.01 33.52
N PHE B 231 -8.21 13.90 33.52
CA PHE B 231 -9.03 14.90 32.83
C PHE B 231 -8.97 16.23 33.58
N LYS B 232 -9.15 16.20 34.90
CA LYS B 232 -9.09 17.42 35.70
C LYS B 232 -7.72 18.08 35.60
N LYS B 233 -6.65 17.28 35.54
CA LYS B 233 -5.32 17.84 35.34
C LYS B 233 -5.23 18.56 34.00
N HIS B 234 -5.71 17.94 32.93
CA HIS B 234 -5.64 18.56 31.61
C HIS B 234 -6.48 19.83 31.55
N ILE B 235 -7.64 19.83 32.20
CA ILE B 235 -8.47 21.03 32.27
C ILE B 235 -7.70 22.16 32.92
N GLU B 236 -7.01 21.87 34.03
CA GLU B 236 -6.28 22.89 34.77
C GLU B 236 -5.18 23.53 33.91
N LYS B 237 -4.43 22.70 33.18
CA LYS B 237 -3.38 23.25 32.32
C LYS B 237 -3.96 24.12 31.21
N LEU B 238 -5.16 23.77 30.72
CA LEU B 238 -5.81 24.59 29.71
C LEU B 238 -6.21 25.95 30.28
N LEU B 239 -6.55 26.01 31.56
CA LEU B 239 -6.91 27.27 32.20
C LEU B 239 -5.66 28.05 32.59
N SER B 245 -7.23 30.37 25.64
CA SER B 245 -7.60 29.09 26.24
C SER B 245 -8.73 28.43 25.47
N PRO B 246 -8.52 27.16 25.08
CA PRO B 246 -9.56 26.47 24.31
C PRO B 246 -10.88 26.32 25.05
N ILE B 247 -10.84 26.23 26.38
CA ILE B 247 -12.09 26.20 27.15
C ILE B 247 -12.87 27.49 26.93
N VAL B 248 -12.16 28.62 26.81
CA VAL B 248 -12.84 29.89 26.56
C VAL B 248 -13.46 29.90 25.16
N LYS B 249 -12.69 29.48 24.15
CA LYS B 249 -13.22 29.41 22.79
C LYS B 249 -14.45 28.50 22.71
N PHE B 250 -14.40 27.38 23.42
CA PHE B 250 -15.54 26.47 23.47
C PHE B 250 -16.75 27.17 24.07
N ASN B 251 -16.59 27.75 25.27
CA ASN B 251 -17.74 28.35 25.95
C ASN B 251 -18.31 29.54 25.19
N GLU B 252 -17.44 30.32 24.56
CA GLU B 252 -17.82 31.61 23.99
C GLU B 252 -17.95 31.60 22.48
N LYS B 253 -16.97 31.07 21.75
CA LYS B 253 -16.98 31.23 20.30
C LYS B 253 -17.32 29.95 19.56
N THR B 254 -18.39 29.27 19.97
CA THR B 254 -18.83 28.05 19.31
C THR B 254 -20.10 28.31 18.53
N PRO B 255 -20.12 28.00 17.23
CA PRO B 255 -21.25 28.38 16.38
C PRO B 255 -22.55 27.72 16.84
N GLN B 256 -23.65 28.37 16.46
CA GLN B 256 -24.97 27.95 16.92
C GLN B 256 -25.29 26.51 16.49
N PHE B 257 -24.98 26.16 15.24
CA PHE B 257 -25.30 24.81 14.77
C PHE B 257 -24.50 23.75 15.53
N ILE B 258 -23.34 24.13 16.06
CA ILE B 258 -22.54 23.17 16.83
C ILE B 258 -23.10 23.02 18.24
N TRP B 259 -23.63 24.10 18.82
CA TRP B 259 -24.33 23.95 20.11
C TRP B 259 -25.56 23.08 19.94
N ASP B 260 -26.25 23.18 18.80
CA ASP B 260 -27.40 22.33 18.55
C ASP B 260 -27.00 20.87 18.45
N ILE B 261 -25.84 20.60 17.83
CA ILE B 261 -25.34 19.22 17.74
C ILE B 261 -25.01 18.69 19.13
N LEU B 262 -24.37 19.53 19.95
CA LEU B 262 -24.02 19.12 21.31
C LEU B 262 -25.26 18.83 22.15
N ASN B 263 -26.25 19.70 22.08
CA ASN B 263 -27.44 19.57 22.91
C ASN B 263 -28.40 18.50 22.41
N ALA B 264 -28.13 17.93 21.22
CA ALA B 264 -28.91 16.78 20.77
C ALA B 264 -28.58 15.52 21.56
N PHE B 265 -27.46 15.51 22.27
CA PHE B 265 -27.01 14.34 23.01
C PHE B 265 -27.77 14.18 24.33
N PRO B 266 -27.84 12.96 24.86
CA PRO B 266 -28.44 12.77 26.19
C PRO B 266 -27.69 13.59 27.24
N GLU B 267 -28.44 14.04 28.24
CA GLU B 267 -27.87 14.98 29.22
C GLU B 267 -26.73 14.34 30.00
N GLY B 268 -26.90 13.08 30.41
CA GLY B 268 -25.80 12.35 31.02
C GLY B 268 -24.69 11.97 30.07
N LYS B 269 -24.85 12.27 28.78
CA LYS B 269 -23.79 12.07 27.79
C LYS B 269 -23.45 13.35 27.06
N LYS B 270 -23.73 14.51 27.66
CA LYS B 270 -23.39 15.79 27.09
C LYS B 270 -22.00 16.22 27.53
N LEU B 271 -21.25 16.82 26.60
CA LEU B 271 -19.94 17.38 26.89
C LEU B 271 -20.03 18.78 27.46
N ASN B 272 -21.22 19.38 27.48
CA ASN B 272 -21.43 20.74 27.96
C ASN B 272 -22.31 20.73 29.20
N ASP B 273 -21.98 21.62 30.13
CA ASP B 273 -22.83 21.88 31.31
C ASP B 273 -23.53 23.21 31.03
N GLY B 274 -24.73 23.13 30.48
CA GLY B 274 -25.36 24.34 29.97
C GLY B 274 -24.63 24.82 28.74
N GLN B 275 -24.39 26.13 28.68
CA GLN B 275 -23.67 26.75 27.57
C GLN B 275 -22.21 27.00 27.94
N LYS B 276 -21.58 25.99 28.54
CA LYS B 276 -20.17 26.05 28.87
C LYS B 276 -19.65 24.62 28.98
N LEU B 277 -18.33 24.49 28.99
CA LEU B 277 -17.72 23.17 29.15
C LEU B 277 -17.99 22.64 30.55
N TRP B 278 -18.22 21.34 30.65
CA TRP B 278 -18.39 20.67 31.93
C TRP B 278 -17.03 20.28 32.50
N ILE B 279 -16.88 20.43 33.81
CA ILE B 279 -15.65 20.07 34.49
C ILE B 279 -15.99 19.14 35.64
N PRO B 280 -15.33 17.97 35.69
CA PRO B 280 -15.71 17.01 36.72
C PRO B 280 -15.23 17.42 38.09
N ASP B 281 -16.11 17.33 39.09
CA ASP B 281 -15.68 17.62 40.45
C ASP B 281 -14.91 16.41 40.92
N ASP B 282 -14.26 16.53 42.06
CA ASP B 282 -13.47 15.41 42.57
C ASP B 282 -14.36 14.19 42.76
N LYS B 283 -15.65 14.43 42.96
CA LYS B 283 -16.59 13.33 43.16
C LYS B 283 -16.67 12.39 41.97
N ILE B 284 -16.72 12.95 40.77
CA ILE B 284 -16.88 12.12 39.58
C ILE B 284 -15.85 11.01 39.54
N THR B 285 -16.31 9.77 39.40
CA THR B 285 -15.39 8.64 39.32
C THR B 285 -15.07 8.32 37.87
N ASN B 286 -14.13 7.40 37.68
CA ASN B 286 -13.69 7.03 36.35
C ASN B 286 -14.83 6.47 35.51
N ASP B 287 -15.73 5.71 36.14
CA ASP B 287 -16.89 5.18 35.42
C ASP B 287 -17.88 6.28 35.09
N ASN B 288 -18.02 7.29 35.97
CA ASN B 288 -18.96 8.37 35.69
C ASN B 288 -18.46 9.26 34.56
N LEU B 289 -17.15 9.53 34.53
CA LEU B 289 -16.58 10.35 33.47
C LEU B 289 -16.70 9.65 32.12
N SER B 290 -16.16 8.43 32.01
CA SER B 290 -16.13 7.72 30.73
C SER B 290 -17.53 7.51 30.19
N SER B 291 -18.47 7.12 31.05
CA SER B 291 -19.84 6.90 30.60
C SER B 291 -20.48 8.19 30.08
N ARG B 292 -20.01 9.35 30.55
CA ARG B 292 -20.57 10.63 30.16
C ARG B 292 -19.90 11.22 28.93
N VAL B 293 -18.64 10.87 28.68
CA VAL B 293 -17.79 11.60 27.76
C VAL B 293 -17.25 10.73 26.64
N LYS B 294 -16.83 9.49 26.95
CA LYS B 294 -16.00 8.73 26.01
C LYS B 294 -16.74 8.41 24.71
N ASP B 295 -18.02 8.00 24.82
CA ASP B 295 -18.78 7.70 23.61
C ASP B 295 -19.07 8.96 22.81
N THR B 296 -19.37 10.07 23.48
CA THR B 296 -19.71 11.29 22.78
C THR B 296 -18.50 11.86 22.05
N VAL B 297 -17.34 11.87 22.71
CA VAL B 297 -16.13 12.43 22.10
C VAL B 297 -15.72 11.62 20.87
N GLU B 298 -15.77 10.30 20.97
CA GLU B 298 -15.35 9.47 19.86
C GLU B 298 -16.25 9.61 18.63
N PHE B 299 -17.54 9.78 18.86
CA PHE B 299 -18.47 9.94 17.75
C PHE B 299 -18.23 11.26 17.03
N LEU B 300 -18.08 12.34 17.78
CA LEU B 300 -17.86 13.64 17.20
C LEU B 300 -16.47 13.77 16.58
N ASN B 301 -15.52 13.03 17.13
CA ASN B 301 -14.16 13.12 16.64
C ASN B 301 -14.01 12.52 15.24
N GLY B 302 -15.04 11.82 14.76
CA GLY B 302 -14.93 11.31 13.40
C GLY B 302 -15.79 10.12 13.01
N LYS B 303 -16.25 9.34 13.99
CA LYS B 303 -17.14 8.24 13.69
C LYS B 303 -18.45 8.72 13.07
N TRP B 304 -18.90 9.94 13.43
CA TRP B 304 -20.11 10.48 12.83
C TRP B 304 -19.99 10.54 11.30
N PHE B 305 -18.78 10.81 10.80
CA PHE B 305 -18.61 10.97 9.36
C PHE B 305 -18.84 9.65 8.63
N GLU B 306 -18.43 8.54 9.23
CA GLU B 306 -18.76 7.22 8.68
C GLU B 306 -20.27 7.05 8.53
N TRP B 307 -21.02 7.34 9.60
CA TRP B 307 -22.47 7.20 9.54
C TRP B 307 -23.07 8.15 8.52
N TYR B 308 -22.61 9.40 8.50
CA TYR B 308 -23.17 10.38 7.57
C TYR B 308 -23.07 9.87 6.14
N VAL B 309 -21.87 9.47 5.71
CA VAL B 309 -21.66 9.01 4.34
C VAL B 309 -22.51 7.78 4.07
N TYR B 310 -22.49 6.81 5.00
CA TYR B 310 -23.24 5.59 4.79
C TYR B 310 -24.72 5.88 4.60
N SER B 311 -25.27 6.81 5.39
CA SER B 311 -26.68 7.15 5.25
C SER B 311 -26.96 7.76 3.89
N GLN B 312 -26.02 8.56 3.37
CA GLN B 312 -26.21 9.16 2.04
C GLN B 312 -26.14 8.10 0.95
N ILE B 313 -25.23 7.14 1.09
CA ILE B 313 -25.08 6.11 0.05
C ILE B 313 -26.26 5.16 0.07
N LYS B 314 -26.73 4.77 1.27
CA LYS B 314 -27.91 3.92 1.34
C LYS B 314 -29.11 4.59 0.71
N SER B 315 -29.20 5.92 0.81
CA SER B 315 -30.27 6.65 0.16
C SER B 315 -30.17 6.52 -1.36
N GLU B 316 -28.99 6.77 -1.92
CA GLU B 316 -28.84 6.74 -3.38
C GLU B 316 -29.06 5.35 -3.94
N LEU B 317 -28.63 4.31 -3.23
CA LEU B 317 -28.82 2.93 -3.67
C LEU B 317 -30.20 2.39 -3.38
N LEU B 318 -31.11 3.22 -2.85
CA LEU B 318 -32.47 2.76 -2.58
C LEU B 318 -33.16 2.29 -3.85
N ASP B 319 -32.84 2.88 -5.00
CA ASP B 319 -33.42 2.50 -6.27
C ASP B 319 -32.64 1.38 -6.96
N ARG B 320 -31.33 1.29 -6.71
CA ARG B 320 -30.52 0.28 -7.38
C ARG B 320 -30.83 -1.11 -6.82
N LYS B 321 -30.18 -2.11 -7.39
CA LYS B 321 -30.47 -3.52 -7.08
C LYS B 321 -29.64 -4.08 -5.93
N LEU B 322 -28.76 -3.27 -5.33
CA LEU B 322 -27.89 -3.78 -4.26
C LEU B 322 -28.69 -4.04 -3.00
N LYS B 323 -28.41 -5.16 -2.35
CA LYS B 323 -29.02 -5.50 -1.06
C LYS B 323 -27.99 -5.30 0.04
N GLU B 324 -28.41 -4.63 1.12
CA GLU B 324 -27.53 -4.42 2.25
C GLU B 324 -27.09 -5.78 2.82
N GLY B 325 -25.85 -5.85 3.27
CA GLY B 325 -25.32 -7.08 3.81
C GLY B 325 -24.87 -8.09 2.77
N GLU B 326 -25.26 -7.93 1.52
CA GLU B 326 -24.70 -8.69 0.42
C GLU B 326 -23.78 -7.85 -0.46
N HIS B 327 -24.15 -6.59 -0.72
CA HIS B 327 -23.42 -5.75 -1.65
C HIS B 327 -22.97 -4.42 -1.06
N PHE B 328 -23.37 -4.09 0.17
CA PHE B 328 -22.83 -2.93 0.85
C PHE B 328 -23.07 -3.08 2.35
N GLY B 329 -22.28 -2.34 3.12
CA GLY B 329 -22.34 -2.41 4.57
C GLY B 329 -21.32 -1.48 5.17
N ILE B 330 -21.36 -1.39 6.51
CA ILE B 330 -20.50 -0.49 7.25
C ILE B 330 -19.71 -1.27 8.29
N SER B 331 -18.47 -0.84 8.54
CA SER B 331 -17.63 -1.40 9.59
C SER B 331 -17.33 -2.87 9.35
N LEU B 332 -16.83 -3.16 8.15
CA LEU B 332 -16.43 -4.52 7.80
C LEU B 332 -15.12 -4.88 8.48
N LYS B 333 -15.06 -6.11 9.00
CA LYS B 333 -13.84 -6.65 9.59
C LYS B 333 -13.72 -8.10 9.17
N ALA B 334 -12.51 -8.51 8.84
CA ALA B 334 -12.26 -9.88 8.45
C ALA B 334 -10.79 -10.19 8.68
N GLN B 335 -10.44 -11.46 8.56
CA GLN B 335 -9.10 -11.93 8.83
C GLN B 335 -8.84 -13.19 8.01
N LYS B 336 -7.57 -13.44 7.75
CA LYS B 336 -7.17 -14.76 7.28
C LYS B 336 -6.91 -15.66 8.49
N LYS B 337 -6.75 -16.96 8.20
CA LYS B 337 -6.56 -17.94 9.27
C LYS B 337 -5.36 -17.59 10.12
N ASP B 338 -5.57 -17.53 11.44
CA ASP B 338 -4.50 -17.25 12.41
C ASP B 338 -3.75 -15.97 12.08
N SER B 339 -4.46 -14.98 11.55
CA SER B 339 -3.86 -13.73 11.11
C SER B 339 -4.65 -12.57 11.69
N PRO B 340 -4.03 -11.39 11.79
CA PRO B 340 -4.75 -10.24 12.33
C PRO B 340 -5.88 -9.80 11.43
N TYR B 341 -6.89 -9.19 12.03
CA TYR B 341 -8.03 -8.69 11.27
C TYR B 341 -7.80 -7.23 10.89
N PHE B 342 -8.43 -6.81 9.79
CA PHE B 342 -8.44 -5.42 9.37
C PHE B 342 -9.84 -4.85 9.57
N ALA B 343 -9.94 -3.53 9.54
CA ALA B 343 -11.22 -2.84 9.58
C ALA B 343 -11.35 -1.96 8.34
N LEU B 344 -12.52 -2.01 7.70
CA LEU B 344 -12.83 -1.20 6.53
C LEU B 344 -14.12 -0.45 6.78
N ASP B 345 -14.11 0.87 6.56
CA ASP B 345 -15.20 1.73 6.99
C ASP B 345 -16.50 1.39 6.26
N ILE B 346 -16.47 1.32 4.93
CA ILE B 346 -17.64 0.97 4.12
C ILE B 346 -17.18 0.11 2.95
N PHE B 347 -18.00 -0.87 2.58
CA PHE B 347 -17.77 -1.64 1.36
C PHE B 347 -18.98 -1.55 0.44
N LEU B 348 -18.71 -1.70 -0.86
CA LEU B 348 -19.73 -1.72 -1.90
C LEU B 348 -19.24 -2.64 -3.00
N ILE B 349 -20.15 -3.41 -3.57
CA ILE B 349 -19.88 -4.27 -4.72
C ILE B 349 -20.77 -3.83 -5.86
N ASN B 350 -20.16 -3.42 -6.99
CA ASN B 350 -20.90 -3.09 -8.21
C ASN B 350 -20.64 -4.18 -9.22
N GLY B 351 -21.62 -5.06 -9.42
CA GLY B 351 -21.41 -6.23 -10.26
C GLY B 351 -20.48 -7.21 -9.58
N TYR B 352 -19.22 -7.24 -10.00
CA TYR B 352 -18.22 -8.05 -9.32
C TYR B 352 -16.95 -7.27 -9.01
N GLN B 353 -17.02 -5.94 -8.88
CA GLN B 353 -15.88 -5.15 -8.48
C GLN B 353 -16.09 -4.62 -7.06
N LEU B 354 -15.09 -4.84 -6.21
CA LEU B 354 -15.14 -4.31 -4.85
C LEU B 354 -14.77 -2.83 -4.85
N ILE B 355 -15.57 -2.03 -4.16
CA ILE B 355 -15.25 -0.62 -3.93
C ILE B 355 -15.11 -0.44 -2.43
N GLY B 356 -13.89 -0.14 -1.98
CA GLY B 356 -13.63 0.14 -0.58
C GLY B 356 -13.56 1.63 -0.34
N ILE B 357 -14.17 2.07 0.76
CA ILE B 357 -14.26 3.49 1.09
C ILE B 357 -13.67 3.70 2.48
N SER B 358 -12.58 4.48 2.55
CA SER B 358 -12.00 4.92 3.80
C SER B 358 -12.39 6.36 4.03
N LEU B 359 -12.81 6.68 5.25
CA LEU B 359 -13.27 8.02 5.58
C LEU B 359 -12.40 8.61 6.67
N THR B 360 -12.00 9.87 6.50
CA THR B 360 -11.38 10.63 7.58
C THR B 360 -11.86 12.07 7.50
N THR B 361 -12.01 12.69 8.66
CA THR B 361 -12.36 14.11 8.74
C THR B 361 -11.14 15.01 8.73
N SER B 362 -9.94 14.45 8.73
CA SER B 362 -8.74 15.27 8.81
C SER B 362 -8.54 16.02 7.51
N SER B 363 -7.96 17.22 7.64
CA SER B 363 -7.60 18.05 6.51
C SER B 363 -6.09 18.04 6.25
N THR B 364 -5.37 17.13 6.91
CA THR B 364 -3.91 17.15 6.92
C THR B 364 -3.38 16.22 5.84
N ARG B 365 -2.45 16.73 5.02
CA ARG B 365 -1.93 15.95 3.89
C ARG B 365 -1.22 14.69 4.38
N GLU B 366 -0.40 14.81 5.42
CA GLU B 366 0.38 13.66 5.88
C GLU B 366 -0.54 12.53 6.35
N LEU B 367 -1.54 12.85 7.17
CA LEU B 367 -2.46 11.83 7.66
C LEU B 367 -3.27 11.23 6.52
N CYS B 368 -3.78 12.07 5.62
CA CYS B 368 -4.64 11.55 4.55
C CYS B 368 -3.87 10.72 3.56
N LYS B 369 -2.60 11.05 3.33
CA LYS B 369 -1.75 10.22 2.48
C LYS B 369 -1.64 8.80 3.05
N LEU B 370 -1.37 8.70 4.36
CA LEU B 370 -1.24 7.40 4.99
C LEU B 370 -2.53 6.60 4.94
N LYS B 371 -3.69 7.26 5.03
CA LYS B 371 -4.95 6.54 4.87
C LYS B 371 -5.11 6.05 3.44
N GLY B 372 -4.60 6.81 2.46
CA GLY B 372 -4.70 6.39 1.07
C GLY B 372 -3.94 5.09 0.81
N PHE B 373 -2.68 5.04 1.24
CA PHE B 373 -1.90 3.80 1.15
C PHE B 373 -2.67 2.63 1.75
N GLU B 374 -3.32 2.86 2.89
CA GLU B 374 -3.99 1.77 3.59
C GLU B 374 -5.15 1.23 2.78
N VAL B 375 -5.98 2.11 2.22
CA VAL B 375 -7.17 1.64 1.54
C VAL B 375 -6.82 1.04 0.18
N ILE B 376 -5.77 1.53 -0.48
CA ILE B 376 -5.31 0.91 -1.72
C ILE B 376 -4.90 -0.55 -1.46
N HIS B 377 -4.18 -0.79 -0.36
CA HIS B 377 -3.67 -2.14 -0.11
C HIS B 377 -4.79 -3.07 0.36
N ARG B 378 -5.68 -2.58 1.23
CA ARG B 378 -6.73 -3.44 1.78
C ARG B 378 -7.64 -3.99 0.69
N VAL B 379 -8.17 -3.12 -0.18
CA VAL B 379 -9.11 -3.58 -1.19
C VAL B 379 -8.44 -4.56 -2.14
N ARG B 380 -7.13 -4.38 -2.37
CA ARG B 380 -6.38 -5.33 -3.18
C ARG B 380 -6.29 -6.69 -2.50
N GLN B 381 -6.12 -6.70 -1.18
CA GLN B 381 -6.03 -7.96 -0.44
C GLN B 381 -7.35 -8.74 -0.49
N ILE B 382 -8.47 -8.06 -0.25
CA ILE B 382 -9.74 -8.77 -0.08
C ILE B 382 -10.55 -8.89 -1.36
N GLY B 383 -10.26 -8.08 -2.38
CA GLY B 383 -11.09 -8.07 -3.57
C GLY B 383 -10.32 -8.23 -4.88
N GLY B 384 -9.02 -8.47 -4.80
CA GLY B 384 -8.21 -8.69 -5.98
C GLY B 384 -7.62 -7.40 -6.55
N ASP B 385 -6.81 -7.58 -7.60
CA ASP B 385 -6.02 -6.48 -8.15
C ASP B 385 -6.83 -5.50 -8.98
N GLU B 386 -8.12 -5.75 -9.22
CA GLU B 386 -8.95 -4.86 -10.02
C GLU B 386 -9.98 -4.11 -9.17
N SER B 387 -9.76 -4.05 -7.85
CA SER B 387 -10.65 -3.35 -6.94
C SER B 387 -10.45 -1.85 -7.04
N LYS B 388 -11.41 -1.11 -6.50
CA LYS B 388 -11.38 0.35 -6.50
C LYS B 388 -11.38 0.87 -5.07
N ALA B 389 -10.45 1.76 -4.77
CA ALA B 389 -10.31 2.36 -3.45
C ALA B 389 -10.73 3.83 -3.50
N ILE B 390 -11.59 4.24 -2.57
CA ILE B 390 -12.04 5.62 -2.47
C ILE B 390 -11.69 6.13 -1.09
N LEU B 391 -11.04 7.29 -1.03
CA LEU B 391 -10.68 7.95 0.23
C LEU B 391 -11.43 9.26 0.31
N ILE B 392 -12.21 9.46 1.37
CA ILE B 392 -13.00 10.67 1.57
C ILE B 392 -12.44 11.43 2.75
N THR B 393 -11.93 12.63 2.49
CA THR B 393 -11.17 13.44 3.44
C THR B 393 -11.83 14.81 3.65
N GLY B 394 -11.30 15.57 4.59
CA GLY B 394 -11.74 16.94 4.78
C GLY B 394 -10.77 17.94 4.20
N MET B 395 -9.95 17.52 3.24
CA MET B 395 -9.04 18.44 2.57
C MET B 395 -9.79 19.27 1.53
N ASP B 396 -9.16 20.37 1.12
CA ASP B 396 -9.72 21.18 0.05
C ASP B 396 -9.36 20.56 -1.30
N LYS B 397 -9.86 21.19 -2.37
CA LYS B 397 -9.84 20.56 -3.68
C LYS B 397 -8.42 20.39 -4.21
N SER B 398 -7.56 21.39 -4.01
CA SER B 398 -6.19 21.29 -4.49
C SER B 398 -5.46 20.12 -3.86
N LYS B 399 -5.65 19.92 -2.56
CA LYS B 399 -4.94 18.85 -1.87
C LYS B 399 -5.44 17.47 -2.30
N THR B 400 -6.76 17.33 -2.51
CA THR B 400 -7.29 16.04 -2.95
C THR B 400 -6.72 15.66 -4.32
N GLU B 401 -6.67 16.63 -5.24
CA GLU B 401 -6.09 16.37 -6.55
C GLU B 401 -4.62 16.00 -6.46
N ASP B 402 -3.87 16.72 -5.61
CA ASP B 402 -2.46 16.37 -5.42
C ASP B 402 -2.31 14.96 -4.87
N LEU B 403 -3.17 14.57 -3.91
CA LEU B 403 -3.06 13.25 -3.32
C LEU B 403 -3.36 12.16 -4.34
N GLN B 404 -4.35 12.38 -5.21
CA GLN B 404 -4.66 11.39 -6.24
C GLN B 404 -3.46 11.17 -7.17
N LYS B 405 -2.80 12.24 -7.57
CA LYS B 405 -1.62 12.12 -8.43
C LYS B 405 -0.48 11.44 -7.69
N ASP B 406 -0.27 11.82 -6.43
CA ASP B 406 0.85 11.30 -5.64
C ASP B 406 0.80 9.78 -5.55
N LEU B 407 -0.39 9.21 -5.34
CA LEU B 407 -0.55 7.79 -5.04
C LEU B 407 -1.02 6.96 -6.22
N ALA B 408 -1.30 7.59 -7.37
CA ALA B 408 -1.73 6.84 -8.54
C ALA B 408 -0.66 5.82 -8.96
N TYR B 409 -1.12 4.67 -9.46
CA TYR B 409 -0.25 3.61 -9.92
C TYR B 409 -0.78 3.08 -11.24
N GLU B 410 0.09 2.89 -12.21
CA GLU B 410 -0.35 2.49 -13.54
C GLU B 410 -0.84 1.04 -13.51
N THR B 411 -2.05 0.83 -14.01
CA THR B 411 -2.69 -0.46 -14.02
C THR B 411 -2.96 -0.98 -15.42
N GLY B 412 -2.89 -0.12 -16.44
CA GLY B 412 -3.33 -0.45 -17.77
C GLY B 412 -4.66 0.17 -18.15
N SER B 413 -5.45 0.60 -17.18
CA SER B 413 -6.76 1.18 -17.45
C SER B 413 -6.69 2.71 -17.42
N THR B 414 -7.69 3.33 -18.04
CA THR B 414 -7.81 4.79 -18.04
C THR B 414 -8.70 5.30 -16.93
N GLN B 415 -9.56 4.45 -16.37
CA GLN B 415 -10.34 4.84 -15.20
C GLN B 415 -9.52 4.63 -13.94
N LYS B 416 -9.62 5.58 -13.01
CA LYS B 416 -8.84 5.53 -11.78
C LYS B 416 -9.34 4.45 -10.84
N ARG B 417 -8.40 3.80 -10.17
CA ARG B 417 -8.71 2.81 -9.14
C ARG B 417 -8.49 3.35 -7.73
N PHE B 418 -7.89 4.53 -7.59
CA PHE B 418 -7.80 5.25 -6.33
C PHE B 418 -8.42 6.62 -6.52
N VAL B 419 -9.48 6.90 -5.76
CA VAL B 419 -10.27 8.12 -5.90
C VAL B 419 -10.32 8.82 -4.56
N VAL B 420 -10.10 10.14 -4.57
CA VAL B 420 -10.07 10.94 -3.35
C VAL B 420 -11.14 12.02 -3.44
N PHE B 421 -11.95 12.14 -2.39
CA PHE B 421 -12.89 13.23 -2.27
C PHE B 421 -12.49 14.10 -1.10
N GLY B 422 -12.94 15.35 -1.14
CA GLY B 422 -12.58 16.33 -0.12
C GLY B 422 -13.77 17.05 0.47
N ILE B 423 -13.52 18.12 1.22
CA ILE B 423 -14.55 18.76 2.02
C ILE B 423 -15.66 19.32 1.14
N ASP B 424 -15.33 19.79 -0.07
CA ASP B 424 -16.34 20.36 -0.95
C ASP B 424 -17.37 19.33 -1.41
N ASP B 425 -17.05 18.04 -1.30
CA ASP B 425 -17.94 16.99 -1.76
C ASP B 425 -18.87 16.46 -0.67
N TRP B 426 -18.77 16.97 0.55
CA TRP B 426 -19.51 16.38 1.66
C TRP B 426 -21.02 16.54 1.51
N ALA B 427 -21.46 17.69 1.00
CA ALA B 427 -22.91 17.95 0.95
C ALA B 427 -23.62 17.00 -0.02
N ASP B 428 -23.01 16.73 -1.18
CA ASP B 428 -23.62 15.85 -2.18
C ASP B 428 -22.85 14.54 -2.32
N ILE B 429 -22.31 14.03 -1.21
CA ILE B 429 -21.40 12.88 -1.30
C ILE B 429 -22.13 11.65 -1.81
N GLY B 430 -23.44 11.55 -1.60
CA GLY B 430 -24.18 10.40 -2.09
C GLY B 430 -24.19 10.33 -3.61
N SER B 431 -24.46 11.46 -4.26
CA SER B 431 -24.40 11.51 -5.71
C SER B 431 -22.99 11.30 -6.22
N LYS B 432 -21.99 11.82 -5.49
CA LYS B 432 -20.61 11.69 -5.91
C LYS B 432 -20.18 10.23 -5.94
N ILE B 433 -20.56 9.47 -4.92
CA ILE B 433 -20.21 8.05 -4.88
C ILE B 433 -20.97 7.29 -5.96
N CYS B 434 -22.24 7.61 -6.16
CA CYS B 434 -23.03 6.91 -7.17
C CYS B 434 -22.43 7.11 -8.56
N GLU B 435 -21.98 8.34 -8.85
CA GLU B 435 -21.47 8.61 -10.19
C GLU B 435 -20.10 7.98 -10.39
N GLU B 436 -19.25 7.99 -9.37
CA GLU B 436 -17.94 7.36 -9.50
C GLU B 436 -18.04 5.85 -9.64
N VAL B 437 -18.90 5.22 -8.84
CA VAL B 437 -18.96 3.76 -8.79
C VAL B 437 -19.66 3.21 -10.03
N PHE B 438 -20.81 3.78 -10.40
CA PHE B 438 -21.65 3.24 -11.47
C PHE B 438 -21.50 4.08 -12.72
N LYS B 439 -20.78 3.54 -13.71
CA LYS B 439 -20.47 4.27 -14.94
C LYS B 439 -20.62 3.39 -16.16
#